data_2Q9U
#
_entry.id   2Q9U
#
_cell.length_a   111.967
_cell.length_b   115.059
_cell.length_c   67.732
_cell.angle_alpha   90.00
_cell.angle_beta   90.00
_cell.angle_gamma   90.00
#
_symmetry.space_group_name_H-M   'P 21 21 2'
#
loop_
_entity.id
_entity.type
_entity.pdbx_description
1 polymer 'A-type flavoprotein'
2 non-polymer 'NITRATE ION'
3 non-polymer 'FLAVIN MONONUCLEOTIDE'
4 non-polymer MU-OXO-DIIRON
5 water water
#
_entity_poly.entity_id   1
_entity_poly.type   'polypeptide(L)'
_entity_poly.pdbx_seq_one_letter_code
;MSSKPKYVQDQEMIPGVYWVGIVDWMVRIFHGYHTDEGSSYNSYFIDDECPTVIDSVKYPFAEEWLSRIAACCPLDKIKY
VVMNHAEGDHASSLKDHYHKFTNATFVCTKKCQEHLKILYGMEKATWLIVDDKYTLKIGKRTLKFIPVPLLHWPDSTFTY
CPEDKILFSNDGFGQHYATSRRWADECDVSHVMHLFKEYTANILGLFSAQMRKALEVASTVEIKYILSAHGVSWRGDAMG
LAIAEYDRWSKGQHCQKKVTVVLDSMYGTTHRMALALLDGARSTGCETVLLEMTSSDITKVALHTYDSGAVAFASPTLNN
TMMPSVAAALNYVRGLTLIKGKPAFAFGAFGWSNRAVPDIVAELRDGCKADVYDEKGITFKFNYTEELLEQAYNAGVDLG
KRAIAYCEKNAPKQ
;
_entity_poly.pdbx_strand_id   A,B
#
# COMPACT_ATOMS: atom_id res chain seq x y z
N LYS A 4 -10.12 -38.01 11.04
CA LYS A 4 -9.43 -36.95 10.26
C LYS A 4 -8.97 -35.78 11.14
N PRO A 5 -7.64 -35.54 11.21
CA PRO A 5 -7.13 -34.40 11.97
C PRO A 5 -7.66 -33.08 11.43
N LYS A 6 -7.92 -32.14 12.33
CA LYS A 6 -8.48 -30.83 11.96
C LYS A 6 -7.40 -29.74 11.95
N TYR A 7 -7.11 -29.22 10.76
CA TYR A 7 -6.06 -28.21 10.62
C TYR A 7 -6.45 -27.06 9.68
N VAL A 8 -7.72 -27.03 9.27
CA VAL A 8 -8.27 -25.85 8.61
C VAL A 8 -9.53 -25.40 9.34
N GLN A 9 -9.82 -24.10 9.26
CA GLN A 9 -11.05 -23.57 9.81
C GLN A 9 -12.09 -23.53 8.68
N ASP A 10 -13.28 -24.10 8.92
CA ASP A 10 -14.38 -23.96 7.95
C ASP A 10 -14.90 -22.55 7.99
N GLN A 11 -15.16 -22.00 6.82
CA GLN A 11 -15.41 -20.59 6.69
C GLN A 11 -16.69 -20.38 5.89
N GLU A 12 -17.83 -20.50 6.60
CA GLU A 12 -19.14 -20.32 6.00
C GLU A 12 -19.40 -18.81 5.80
N MET A 13 -19.43 -18.38 4.55
CA MET A 13 -19.54 -16.95 4.25
C MET A 13 -20.98 -16.47 4.29
N ILE A 14 -21.84 -17.29 3.73
CA ILE A 14 -23.28 -17.10 3.80
C ILE A 14 -23.88 -18.50 3.99
N PRO A 15 -25.16 -18.59 4.41
CA PRO A 15 -25.71 -19.93 4.70
C PRO A 15 -25.46 -20.94 3.58
N GLY A 16 -24.72 -21.98 3.94
CA GLY A 16 -24.44 -23.12 3.07
C GLY A 16 -23.36 -22.88 2.00
N VAL A 17 -22.67 -21.72 2.05
CA VAL A 17 -21.61 -21.40 1.05
C VAL A 17 -20.32 -21.12 1.80
N TYR A 18 -19.31 -21.95 1.54
CA TYR A 18 -18.07 -21.94 2.30
C TYR A 18 -16.90 -21.53 1.42
N TRP A 19 -16.02 -20.70 1.99
CA TRP A 19 -14.75 -20.38 1.33
C TRP A 19 -13.80 -21.54 1.50
N VAL A 20 -13.35 -22.09 0.38
CA VAL A 20 -12.38 -23.19 0.40
C VAL A 20 -11.15 -22.84 -0.50
N GLY A 21 -10.85 -21.55 -0.61
CA GLY A 21 -9.75 -21.09 -1.47
C GLY A 21 -8.44 -21.11 -0.71
N ILE A 22 -7.47 -20.35 -1.20
CA ILE A 22 -6.21 -20.21 -0.48
C ILE A 22 -5.78 -18.76 -0.53
N VAL A 23 -5.05 -18.34 0.49
CA VAL A 23 -4.46 -17.00 0.50
C VAL A 23 -3.01 -17.17 0.10
N ASP A 24 -2.63 -16.46 -0.96
CA ASP A 24 -1.24 -16.50 -1.45
C ASP A 24 -0.50 -15.31 -0.80
N TRP A 25 -0.04 -15.54 0.42
CA TRP A 25 0.65 -14.51 1.21
C TRP A 25 1.95 -14.02 0.53
N MET A 26 2.63 -14.90 -0.15
CA MET A 26 4.00 -14.61 -0.60
C MET A 26 4.19 -14.07 -2.01
N VAL A 27 3.16 -14.23 -2.86
CA VAL A 27 3.33 -13.87 -4.27
C VAL A 27 3.59 -12.37 -4.40
N ARG A 28 4.63 -12.04 -5.18
CA ARG A 28 4.99 -10.63 -5.39
C ARG A 28 5.00 -10.21 -6.86
N ILE A 29 5.19 -11.18 -7.74
CA ILE A 29 5.11 -10.95 -9.17
C ILE A 29 4.19 -12.03 -9.73
N PHE A 30 3.15 -11.60 -10.42
CA PHE A 30 2.15 -12.54 -10.90
C PHE A 30 1.81 -12.19 -12.33
N HIS A 31 2.35 -12.99 -13.25
CA HIS A 31 2.30 -12.72 -14.69
C HIS A 31 2.74 -11.28 -15.01
N GLY A 32 3.79 -10.84 -14.31
CA GLY A 32 4.28 -9.47 -14.44
C GLY A 32 3.53 -8.39 -13.66
N TYR A 33 2.45 -8.76 -12.98
CA TYR A 33 1.73 -7.81 -12.07
C TYR A 33 2.49 -7.74 -10.74
N HIS A 34 2.82 -6.54 -10.30
CA HIS A 34 3.51 -6.41 -9.02
C HIS A 34 2.48 -6.53 -7.92
N THR A 35 2.32 -7.73 -7.36
CA THR A 35 1.28 -7.97 -6.37
C THR A 35 1.87 -7.64 -5.00
N ASP A 36 2.00 -6.35 -4.68
CA ASP A 36 2.71 -5.92 -3.46
C ASP A 36 2.05 -6.45 -2.20
N GLU A 37 0.74 -6.68 -2.29
CA GLU A 37 -0.03 -7.22 -1.17
C GLU A 37 -0.49 -8.69 -1.32
N GLY A 38 0.20 -9.47 -2.13
CA GLY A 38 -0.12 -10.89 -2.32
C GLY A 38 -1.42 -11.01 -3.11
N SER A 39 -2.08 -12.17 -3.03
CA SER A 39 -3.39 -12.33 -3.66
C SER A 39 -4.07 -13.48 -2.93
N SER A 40 -5.20 -13.94 -3.47
CA SER A 40 -5.82 -15.20 -3.04
C SER A 40 -6.49 -15.77 -4.27
N TYR A 41 -6.74 -17.09 -4.24
CA TYR A 41 -7.47 -17.80 -5.29
C TYR A 41 -8.66 -18.39 -4.56
N ASN A 42 -9.80 -17.72 -4.68
CA ASN A 42 -10.97 -18.08 -3.95
C ASN A 42 -11.75 -19.14 -4.72
N SER A 43 -12.13 -20.20 -3.99
CA SER A 43 -12.95 -21.28 -4.49
C SER A 43 -14.05 -21.43 -3.46
N TYR A 44 -15.21 -21.93 -3.84
CA TYR A 44 -16.35 -21.97 -2.91
C TYR A 44 -17.00 -23.35 -2.90
N PHE A 45 -17.44 -23.79 -1.73
CA PHE A 45 -18.19 -25.02 -1.62
C PHE A 45 -19.64 -24.73 -1.25
N ILE A 46 -20.57 -25.27 -2.03
CA ILE A 46 -22.01 -25.10 -1.79
C ILE A 46 -22.57 -26.41 -1.22
N ASP A 47 -23.07 -26.31 0.01
CA ASP A 47 -23.62 -27.47 0.72
C ASP A 47 -25.06 -27.64 0.22
N ASP A 48 -25.27 -28.49 -0.77
CA ASP A 48 -26.62 -28.74 -1.27
C ASP A 48 -26.79 -30.25 -1.55
N GLU A 49 -27.94 -30.62 -2.11
CA GLU A 49 -28.21 -32.04 -2.40
C GLU A 49 -27.17 -32.60 -3.37
N CYS A 50 -26.72 -31.76 -4.30
CA CYS A 50 -25.59 -32.08 -5.18
C CYS A 50 -24.42 -31.19 -4.75
N PRO A 51 -23.53 -31.70 -3.87
CA PRO A 51 -22.49 -30.84 -3.32
C PRO A 51 -21.60 -30.29 -4.44
N THR A 52 -21.36 -28.97 -4.42
CA THR A 52 -20.80 -28.29 -5.58
C THR A 52 -19.62 -27.41 -5.18
N VAL A 53 -18.56 -27.49 -5.98
CA VAL A 53 -17.38 -26.63 -5.85
C VAL A 53 -17.34 -25.65 -7.01
N ILE A 54 -17.09 -24.39 -6.69
CA ILE A 54 -16.90 -23.35 -7.70
C ILE A 54 -15.42 -23.01 -7.76
N ASP A 55 -14.84 -23.23 -8.94
CA ASP A 55 -13.44 -22.94 -9.24
C ASP A 55 -12.39 -23.78 -8.52
N SER A 56 -11.16 -23.74 -9.02
CA SER A 56 -10.03 -24.39 -8.38
C SER A 56 -8.99 -23.32 -8.01
N VAL A 57 -7.73 -23.74 -7.82
CA VAL A 57 -6.63 -22.84 -7.43
C VAL A 57 -5.36 -23.24 -8.16
N LYS A 58 -4.34 -22.37 -8.12
CA LYS A 58 -3.03 -22.60 -8.73
C LYS A 58 -2.41 -23.89 -8.14
N TYR A 59 -1.80 -24.72 -9.00
CA TYR A 59 -1.30 -26.06 -8.61
C TYR A 59 -0.43 -26.17 -7.33
N PRO A 60 0.40 -25.15 -7.01
CA PRO A 60 1.18 -25.31 -5.77
C PRO A 60 0.35 -25.46 -4.51
N PHE A 61 -0.92 -25.01 -4.56
CA PHE A 61 -1.82 -24.96 -3.41
C PHE A 61 -2.90 -26.04 -3.43
N ALA A 62 -2.72 -27.03 -4.32
CA ALA A 62 -3.72 -28.07 -4.54
C ALA A 62 -4.15 -28.80 -3.27
N GLU A 63 -3.18 -29.20 -2.44
CA GLU A 63 -3.48 -30.03 -1.24
C GLU A 63 -4.18 -29.23 -0.18
N GLU A 64 -3.82 -27.96 -0.08
CA GLU A 64 -4.57 -27.06 0.82
C GLU A 64 -6.04 -26.90 0.42
N TRP A 65 -6.28 -26.63 -0.86
CA TRP A 65 -7.61 -26.54 -1.45
C TRP A 65 -8.40 -27.83 -1.23
N LEU A 66 -7.77 -28.97 -1.49
CA LEU A 66 -8.47 -30.26 -1.32
C LEU A 66 -8.81 -30.47 0.17
N SER A 67 -7.89 -30.05 1.05
CA SER A 67 -8.08 -30.17 2.50
C SER A 67 -9.28 -29.36 2.98
N ARG A 68 -9.39 -28.12 2.49
CA ARG A 68 -10.55 -27.29 2.79
C ARG A 68 -11.86 -27.89 2.28
N ILE A 69 -11.85 -28.40 1.05
CA ILE A 69 -13.05 -29.06 0.52
C ILE A 69 -13.43 -30.30 1.35
N ALA A 70 -12.47 -31.16 1.61
CA ALA A 70 -12.70 -32.41 2.37
C ALA A 70 -13.23 -32.13 3.77
N ALA A 71 -12.89 -30.98 4.34
CA ALA A 71 -13.38 -30.65 5.66
C ALA A 71 -14.88 -30.39 5.61
N CYS A 72 -15.37 -29.93 4.46
CA CYS A 72 -16.79 -29.71 4.22
C CYS A 72 -17.54 -30.94 3.72
N CYS A 73 -16.90 -31.71 2.85
CA CYS A 73 -17.56 -32.83 2.19
C CYS A 73 -16.50 -33.80 1.66
N PRO A 74 -16.67 -35.14 1.85
CA PRO A 74 -15.71 -36.06 1.26
C PRO A 74 -15.60 -35.81 -0.25
N LEU A 75 -14.39 -35.93 -0.80
CA LEU A 75 -14.17 -35.61 -2.21
C LEU A 75 -15.01 -36.48 -3.14
N ASP A 76 -15.23 -37.75 -2.77
CA ASP A 76 -16.06 -38.67 -3.57
C ASP A 76 -17.55 -38.34 -3.55
N LYS A 77 -17.96 -37.41 -2.70
CA LYS A 77 -19.36 -36.94 -2.66
C LYS A 77 -19.62 -35.63 -3.38
N ILE A 78 -18.55 -34.99 -3.86
CA ILE A 78 -18.71 -33.82 -4.72
C ILE A 78 -19.33 -34.25 -6.04
N LYS A 79 -20.48 -33.66 -6.37
CA LYS A 79 -21.20 -33.96 -7.64
C LYS A 79 -20.80 -33.05 -8.80
N TYR A 80 -20.60 -31.76 -8.52
CA TYR A 80 -20.23 -30.79 -9.56
C TYR A 80 -19.04 -29.93 -9.15
N VAL A 81 -18.15 -29.73 -10.10
CA VAL A 81 -17.09 -28.69 -10.00
C VAL A 81 -17.32 -27.74 -11.16
N VAL A 82 -17.72 -26.53 -10.83
CA VAL A 82 -18.00 -25.49 -11.79
C VAL A 82 -16.74 -24.67 -12.03
N MET A 83 -16.36 -24.56 -13.30
CA MET A 83 -15.17 -23.81 -13.73
C MET A 83 -15.55 -22.60 -14.57
N ASN A 84 -15.22 -21.40 -14.06
CA ASN A 84 -15.64 -20.16 -14.69
C ASN A 84 -14.63 -19.69 -15.71
N HIS A 85 -13.40 -20.24 -15.64
CA HIS A 85 -12.22 -19.61 -16.31
C HIS A 85 -11.10 -20.65 -16.28
N ALA A 86 -10.32 -20.75 -17.36
CA ALA A 86 -9.34 -21.82 -17.47
C ALA A 86 -7.91 -21.38 -17.08
N GLU A 87 -7.73 -20.09 -16.77
CA GLU A 87 -6.40 -19.59 -16.39
C GLU A 87 -5.86 -20.34 -15.17
N GLY A 88 -4.55 -20.60 -15.19
CA GLY A 88 -3.88 -21.41 -14.17
C GLY A 88 -4.14 -21.04 -12.71
N ASP A 89 -4.27 -19.76 -12.42
CA ASP A 89 -4.52 -19.34 -11.05
C ASP A 89 -5.83 -19.89 -10.45
N HIS A 90 -6.81 -20.22 -11.29
CA HIS A 90 -8.03 -20.85 -10.78
C HIS A 90 -8.22 -22.28 -11.24
N ALA A 91 -7.22 -22.84 -11.90
CA ALA A 91 -7.48 -24.10 -12.62
C ALA A 91 -6.37 -25.14 -12.58
N SER A 92 -5.12 -24.72 -12.35
CA SER A 92 -4.02 -25.61 -12.65
C SER A 92 -3.88 -26.82 -11.71
N SER A 93 -4.48 -26.74 -10.52
CA SER A 93 -4.56 -27.93 -9.65
C SER A 93 -5.32 -29.08 -10.32
N LEU A 94 -6.15 -28.79 -11.32
CA LEU A 94 -6.89 -29.87 -11.95
C LEU A 94 -6.01 -30.81 -12.77
N LYS A 95 -4.89 -30.30 -13.30
CA LYS A 95 -3.98 -31.16 -14.10
C LYS A 95 -3.68 -32.49 -13.40
N ASP A 96 -3.19 -32.41 -12.18
CA ASP A 96 -2.67 -33.58 -11.48
C ASP A 96 -3.76 -34.23 -10.63
N HIS A 97 -4.79 -33.45 -10.25
CA HIS A 97 -5.70 -33.72 -9.13
C HIS A 97 -7.18 -33.93 -9.45
N TYR A 98 -7.53 -33.79 -10.66
CA TYR A 98 -8.95 -33.74 -10.97
C TYR A 98 -9.61 -35.09 -10.72
N HIS A 99 -8.84 -36.16 -10.88
CA HIS A 99 -9.32 -37.53 -10.59
C HIS A 99 -9.77 -37.74 -9.16
N LYS A 100 -9.36 -36.84 -8.26
CA LYS A 100 -9.71 -37.00 -6.85
C LYS A 100 -11.18 -36.81 -6.60
N PHE A 101 -11.85 -36.09 -7.50
CA PHE A 101 -13.28 -35.94 -7.44
C PHE A 101 -13.90 -37.12 -8.21
N THR A 102 -13.93 -38.27 -7.54
CA THR A 102 -14.30 -39.57 -8.18
C THR A 102 -15.64 -39.51 -8.89
N ASN A 103 -16.59 -38.84 -8.25
CA ASN A 103 -17.95 -38.84 -8.74
C ASN A 103 -18.42 -37.53 -9.34
N ALA A 104 -17.49 -36.59 -9.54
CA ALA A 104 -17.86 -35.25 -10.00
C ALA A 104 -17.98 -35.15 -11.51
N THR A 105 -18.83 -34.24 -11.95
CA THR A 105 -18.91 -33.78 -13.33
C THR A 105 -18.40 -32.33 -13.35
N PHE A 106 -17.54 -32.03 -14.32
CA PHE A 106 -16.98 -30.70 -14.49
C PHE A 106 -17.92 -29.90 -15.37
N VAL A 107 -18.36 -28.75 -14.85
CA VAL A 107 -19.42 -27.96 -15.48
C VAL A 107 -18.81 -26.65 -15.96
N CYS A 108 -18.94 -26.38 -17.25
CA CYS A 108 -18.40 -25.16 -17.83
C CYS A 108 -18.93 -24.99 -19.23
N THR A 109 -18.61 -23.86 -19.83
CA THR A 109 -18.98 -23.57 -21.22
C THR A 109 -18.04 -24.34 -22.16
N LYS A 110 -18.42 -24.38 -23.43
CA LYS A 110 -17.63 -25.11 -24.43
C LYS A 110 -16.22 -24.52 -24.56
N LYS A 111 -16.14 -23.19 -24.60
CA LYS A 111 -14.85 -22.52 -24.71
C LYS A 111 -13.96 -22.86 -23.51
N CYS A 112 -14.55 -22.86 -22.32
CA CYS A 112 -13.80 -23.19 -21.11
C CYS A 112 -13.30 -24.64 -21.16
N GLN A 113 -14.16 -25.57 -21.53
CA GLN A 113 -13.75 -26.97 -21.67
C GLN A 113 -12.57 -27.17 -22.64
N GLU A 114 -12.67 -26.57 -23.82
CA GLU A 114 -11.58 -26.60 -24.81
C GLU A 114 -10.25 -26.11 -24.22
N HIS A 115 -10.28 -25.00 -23.47
CA HIS A 115 -9.07 -24.44 -22.89
C HIS A 115 -8.55 -25.30 -21.72
N LEU A 116 -9.45 -25.78 -20.85
CA LEU A 116 -9.05 -26.68 -19.76
C LEU A 116 -8.35 -27.95 -20.30
N LYS A 117 -8.93 -28.54 -21.34
CA LYS A 117 -8.30 -29.74 -21.93
C LYS A 117 -6.93 -29.46 -22.53
N ILE A 118 -6.77 -28.33 -23.22
CA ILE A 118 -5.48 -28.01 -23.86
C ILE A 118 -4.40 -27.73 -22.81
N LEU A 119 -4.79 -27.05 -21.76
CA LEU A 119 -3.88 -26.70 -20.70
C LEU A 119 -3.52 -27.84 -19.77
N TYR A 120 -4.45 -28.74 -19.56
CA TYR A 120 -4.41 -29.49 -18.31
C TYR A 120 -4.66 -30.98 -18.55
N GLY A 121 -5.18 -31.30 -19.74
CA GLY A 121 -5.44 -32.68 -20.11
C GLY A 121 -6.84 -33.12 -19.76
N MET A 122 -7.02 -33.54 -18.51
CA MET A 122 -8.30 -33.98 -17.94
C MET A 122 -8.97 -34.99 -18.87
N GLU A 123 -8.15 -35.92 -19.38
CA GLU A 123 -8.58 -36.85 -20.41
C GLU A 123 -9.75 -37.72 -19.97
N LYS A 124 -9.80 -38.11 -18.71
CA LYS A 124 -10.88 -38.97 -18.22
C LYS A 124 -12.02 -38.24 -17.48
N ALA A 125 -12.02 -36.91 -17.54
CA ALA A 125 -13.09 -36.12 -16.91
C ALA A 125 -14.46 -36.36 -17.53
N THR A 126 -15.49 -36.28 -16.68
CA THR A 126 -16.90 -36.22 -17.10
C THR A 126 -17.34 -34.76 -17.12
N TRP A 127 -17.87 -34.33 -18.25
CA TRP A 127 -18.20 -32.93 -18.49
C TRP A 127 -19.70 -32.72 -18.59
N LEU A 128 -20.15 -31.55 -18.18
CA LEU A 128 -21.47 -31.06 -18.51
C LEU A 128 -21.25 -29.68 -19.12
N ILE A 129 -21.50 -29.56 -20.41
CA ILE A 129 -21.34 -28.28 -21.11
C ILE A 129 -22.61 -27.41 -20.98
N VAL A 130 -22.41 -26.19 -20.46
CA VAL A 130 -23.52 -25.27 -20.19
C VAL A 130 -23.41 -24.04 -21.05
N ASP A 131 -24.50 -23.28 -21.15
CA ASP A 131 -24.50 -22.01 -21.85
C ASP A 131 -25.40 -21.03 -21.11
N ASP A 132 -25.67 -19.87 -21.73
CA ASP A 132 -26.40 -18.81 -21.06
C ASP A 132 -27.89 -19.08 -20.92
N LYS A 133 -28.34 -20.23 -21.41
CA LYS A 133 -29.74 -20.65 -21.23
C LYS A 133 -29.92 -21.87 -20.31
N TYR A 134 -28.81 -22.46 -19.87
CA TYR A 134 -28.83 -23.65 -19.01
C TYR A 134 -29.10 -23.35 -17.53
N THR A 135 -30.02 -24.10 -16.91
CA THR A 135 -30.22 -24.08 -15.47
C THR A 135 -29.75 -25.38 -14.86
N LEU A 136 -28.71 -25.33 -14.04
CA LEU A 136 -28.24 -26.51 -13.33
C LEU A 136 -28.87 -26.63 -11.96
N LYS A 137 -29.65 -27.69 -11.75
CA LYS A 137 -30.26 -27.90 -10.45
C LYS A 137 -29.29 -28.61 -9.49
N ILE A 138 -29.06 -28.03 -8.31
CA ILE A 138 -28.12 -28.64 -7.36
C ILE A 138 -28.79 -29.02 -6.05
N GLY A 139 -30.12 -28.85 -6.01
CA GLY A 139 -30.95 -29.23 -4.86
C GLY A 139 -31.95 -28.14 -4.56
N LYS A 140 -31.82 -27.52 -3.39
CA LYS A 140 -32.57 -26.31 -3.06
C LYS A 140 -32.20 -25.17 -4.00
N ARG A 141 -30.95 -25.17 -4.47
CA ARG A 141 -30.45 -24.10 -5.32
C ARG A 141 -30.42 -24.50 -6.79
N THR A 142 -30.45 -23.52 -7.67
CA THR A 142 -30.09 -23.70 -9.06
C THR A 142 -28.95 -22.75 -9.41
N LEU A 143 -28.24 -23.06 -10.49
CA LEU A 143 -27.13 -22.23 -10.99
C LEU A 143 -27.32 -21.89 -12.45
N LYS A 144 -27.08 -20.61 -12.77
CA LYS A 144 -27.08 -20.08 -14.13
C LYS A 144 -25.66 -19.64 -14.49
N PHE A 145 -25.41 -19.46 -15.78
CA PHE A 145 -24.06 -19.22 -16.28
C PHE A 145 -24.11 -18.04 -17.21
N ILE A 146 -23.23 -17.09 -16.97
CA ILE A 146 -23.20 -15.87 -17.76
C ILE A 146 -21.82 -15.76 -18.44
N PRO A 147 -21.75 -16.14 -19.72
CA PRO A 147 -20.48 -15.98 -20.44
C PRO A 147 -20.13 -14.49 -20.48
N VAL A 148 -18.87 -14.19 -20.18
CA VAL A 148 -18.39 -12.81 -20.33
C VAL A 148 -17.12 -12.89 -21.22
N PRO A 149 -17.26 -13.26 -22.51
CA PRO A 149 -16.06 -13.46 -23.32
C PRO A 149 -15.21 -12.19 -23.42
N LEU A 150 -13.89 -12.39 -23.32
CA LEU A 150 -12.90 -11.32 -23.24
C LEU A 150 -13.09 -10.39 -22.05
N LEU A 151 -13.55 -10.96 -20.92
CA LEU A 151 -13.52 -10.28 -19.64
C LEU A 151 -12.97 -11.24 -18.58
N HIS A 152 -11.68 -11.60 -18.68
CA HIS A 152 -10.74 -11.08 -19.68
C HIS A 152 -10.27 -12.12 -20.71
N TRP A 153 -10.72 -13.38 -20.59
CA TRP A 153 -10.36 -14.43 -21.59
C TRP A 153 -11.61 -14.82 -22.40
N PRO A 154 -11.42 -15.44 -23.59
CA PRO A 154 -12.57 -15.99 -24.35
C PRO A 154 -13.45 -16.94 -23.54
N ASP A 155 -12.85 -17.68 -22.60
CA ASP A 155 -13.59 -18.64 -21.75
C ASP A 155 -14.24 -18.07 -20.48
N SER A 156 -14.01 -16.79 -20.19
CA SER A 156 -14.43 -16.20 -18.91
C SER A 156 -15.96 -16.26 -18.74
N THR A 157 -16.38 -16.64 -17.54
CA THR A 157 -17.80 -16.87 -17.26
C THR A 157 -18.05 -16.37 -15.85
N PHE A 158 -19.29 -15.93 -15.57
CA PHE A 158 -19.79 -15.77 -14.20
C PHE A 158 -20.84 -16.86 -13.90
N THR A 159 -20.97 -17.25 -12.63
CA THR A 159 -22.03 -18.19 -12.20
C THR A 159 -22.97 -17.47 -11.25
N TYR A 160 -24.26 -17.63 -11.49
CA TYR A 160 -25.24 -16.89 -10.73
C TYR A 160 -26.20 -17.86 -10.02
N CYS A 161 -26.43 -17.65 -8.73
CA CYS A 161 -27.42 -18.46 -8.02
C CYS A 161 -28.66 -17.61 -7.73
N PRO A 162 -29.79 -17.88 -8.42
CA PRO A 162 -31.00 -17.08 -8.26
C PRO A 162 -31.65 -17.13 -6.88
N GLU A 163 -31.56 -18.27 -6.17
CA GLU A 163 -32.21 -18.43 -4.86
C GLU A 163 -31.54 -17.63 -3.77
N ASP A 164 -30.20 -17.60 -3.78
CA ASP A 164 -29.42 -16.90 -2.78
C ASP A 164 -28.91 -15.52 -3.25
N LYS A 165 -29.11 -15.22 -4.54
CA LYS A 165 -28.78 -13.92 -5.13
C LYS A 165 -27.25 -13.73 -5.11
N ILE A 166 -26.54 -14.81 -5.41
CA ILE A 166 -25.07 -14.80 -5.42
C ILE A 166 -24.53 -14.76 -6.83
N LEU A 167 -23.60 -13.84 -7.07
CA LEU A 167 -22.85 -13.86 -8.31
C LEU A 167 -21.44 -14.36 -7.99
N PHE A 168 -21.07 -15.51 -8.53
CA PHE A 168 -19.68 -15.98 -8.43
C PHE A 168 -18.96 -15.38 -9.63
N SER A 169 -18.21 -14.30 -9.40
CA SER A 169 -17.75 -13.50 -10.53
C SER A 169 -16.35 -13.86 -11.02
N ASN A 170 -15.70 -14.80 -10.36
CA ASN A 170 -14.35 -15.23 -10.76
C ASN A 170 -13.41 -13.99 -10.74
N ASP A 171 -12.66 -13.72 -11.82
CA ASP A 171 -11.74 -12.59 -11.85
C ASP A 171 -12.50 -11.27 -11.67
N GLY A 172 -13.73 -11.24 -12.17
CA GLY A 172 -14.57 -10.04 -11.99
C GLY A 172 -14.66 -9.63 -10.53
N PHE A 173 -14.55 -8.32 -10.28
CA PHE A 173 -14.64 -7.72 -8.95
C PHE A 173 -13.48 -8.12 -8.03
N GLY A 174 -12.44 -8.70 -8.63
CA GLY A 174 -11.30 -9.18 -7.87
C GLY A 174 -10.31 -8.10 -7.47
N GLN A 175 -9.47 -8.42 -6.48
CA GLN A 175 -8.30 -7.60 -6.18
C GLN A 175 -7.21 -8.57 -5.71
N HIS A 176 -5.97 -8.26 -6.08
CA HIS A 176 -4.83 -9.03 -5.59
C HIS A 176 -4.53 -8.54 -4.18
N TYR A 177 -5.21 -9.19 -3.23
CA TYR A 177 -5.15 -8.76 -1.84
C TYR A 177 -5.16 -9.98 -0.92
N ALA A 178 -4.03 -10.27 -0.25
CA ALA A 178 -3.97 -11.37 0.70
C ALA A 178 -4.39 -10.85 2.09
N THR A 179 -5.43 -11.48 2.65
CA THR A 179 -5.99 -11.11 3.96
C THR A 179 -6.74 -12.31 4.53
N SER A 180 -6.90 -12.35 5.86
CA SER A 180 -7.70 -13.39 6.47
C SER A 180 -9.19 -13.03 6.39
N ARG A 181 -9.46 -11.77 6.04
CA ARG A 181 -10.84 -11.28 5.91
C ARG A 181 -11.43 -11.76 4.58
N ARG A 182 -12.69 -12.17 4.59
CA ARG A 182 -13.34 -12.57 3.34
C ARG A 182 -14.20 -11.51 2.70
N TRP A 183 -14.54 -10.46 3.46
CA TRP A 183 -15.45 -9.43 2.95
C TRP A 183 -14.81 -8.05 2.96
N ALA A 184 -15.15 -7.26 1.95
CA ALA A 184 -14.59 -5.91 1.77
C ALA A 184 -14.88 -5.02 2.99
N ASP A 185 -16.10 -5.15 3.52
CA ASP A 185 -16.59 -4.31 4.63
C ASP A 185 -15.85 -4.59 5.95
N GLU A 186 -15.24 -5.77 6.07
CA GLU A 186 -14.38 -6.08 7.20
C GLU A 186 -12.97 -5.47 7.11
N CYS A 187 -12.64 -4.90 5.95
CA CYS A 187 -11.34 -4.29 5.70
C CYS A 187 -11.51 -2.79 5.70
N ASP A 188 -10.45 -2.03 5.36
CA ASP A 188 -10.67 -0.61 4.99
C ASP A 188 -11.20 -0.63 3.58
N VAL A 189 -12.48 -0.27 3.39
CA VAL A 189 -13.08 -0.33 2.06
C VAL A 189 -12.35 0.53 1.06
N SER A 190 -11.83 1.70 1.49
CA SER A 190 -11.06 2.53 0.56
C SER A 190 -9.79 1.81 0.06
N HIS A 191 -9.14 1.05 0.94
CA HIS A 191 -7.98 0.26 0.56
C HIS A 191 -8.35 -0.85 -0.45
N VAL A 192 -9.45 -1.54 -0.18
CA VAL A 192 -9.94 -2.60 -1.09
C VAL A 192 -10.25 -1.94 -2.45
N MET A 193 -10.86 -0.75 -2.44
CA MET A 193 -11.20 -0.08 -3.68
C MET A 193 -9.98 0.34 -4.43
N HIS A 194 -8.94 0.78 -3.71
CA HIS A 194 -7.65 1.08 -4.35
C HIS A 194 -7.14 -0.15 -5.13
N LEU A 195 -7.15 -1.31 -4.49
CA LEU A 195 -6.62 -2.52 -5.16
C LEU A 195 -7.59 -3.02 -6.24
N PHE A 196 -8.89 -2.77 -6.03
CA PHE A 196 -9.93 -3.12 -7.02
C PHE A 196 -9.67 -2.32 -8.30
N LYS A 197 -9.34 -1.03 -8.13
CA LYS A 197 -8.94 -0.16 -9.26
C LYS A 197 -7.63 -0.59 -9.91
N GLU A 198 -6.66 -1.01 -9.09
CA GLU A 198 -5.39 -1.46 -9.68
C GLU A 198 -5.65 -2.70 -10.55
N TYR A 199 -6.50 -3.59 -10.04
CA TYR A 199 -6.83 -4.82 -10.81
C TYR A 199 -7.52 -4.47 -12.14
N THR A 200 -8.51 -3.58 -12.06
CA THR A 200 -9.23 -3.12 -13.25
C THR A 200 -8.27 -2.54 -14.30
N ALA A 201 -7.41 -1.61 -13.85
CA ALA A 201 -6.45 -0.95 -14.72
C ALA A 201 -5.51 -1.94 -15.42
N ASN A 202 -5.03 -2.94 -14.67
CA ASN A 202 -3.97 -3.85 -15.15
C ASN A 202 -4.44 -5.07 -15.91
N ILE A 203 -5.64 -5.54 -15.59
CA ILE A 203 -6.13 -6.80 -16.16
C ILE A 203 -7.25 -6.52 -17.17
N LEU A 204 -8.09 -5.54 -16.85
CA LEU A 204 -9.31 -5.35 -17.61
C LEU A 204 -9.28 -4.13 -18.51
N GLY A 205 -8.17 -3.39 -18.47
CA GLY A 205 -8.14 -2.01 -19.02
C GLY A 205 -8.66 -1.91 -20.45
N LEU A 206 -8.37 -2.91 -21.27
CA LEU A 206 -8.74 -2.89 -22.70
C LEU A 206 -10.14 -3.49 -22.96
N PHE A 207 -10.84 -3.87 -21.90
CA PHE A 207 -12.11 -4.61 -22.03
C PHE A 207 -13.37 -3.84 -21.55
N SER A 208 -13.37 -2.51 -21.68
CA SER A 208 -14.54 -1.71 -21.19
C SER A 208 -15.85 -2.10 -21.90
N ALA A 209 -15.76 -2.43 -23.19
CA ALA A 209 -16.95 -2.79 -23.95
C ALA A 209 -17.53 -4.10 -23.39
N GLN A 210 -16.64 -5.04 -23.10
CA GLN A 210 -17.05 -6.33 -22.54
C GLN A 210 -17.62 -6.14 -21.13
N MET A 211 -17.08 -5.20 -20.36
CA MET A 211 -17.66 -4.84 -19.06
C MET A 211 -19.07 -4.24 -19.14
N ARG A 212 -19.30 -3.40 -20.16
CA ARG A 212 -20.62 -2.81 -20.41
C ARG A 212 -21.64 -3.94 -20.61
N LYS A 213 -21.25 -4.95 -21.41
CA LYS A 213 -22.12 -6.11 -21.72
C LYS A 213 -22.43 -6.89 -20.45
N ALA A 214 -21.40 -7.11 -19.64
CA ALA A 214 -21.50 -7.94 -18.47
C ALA A 214 -22.39 -7.24 -17.46
N LEU A 215 -22.19 -5.93 -17.28
CA LEU A 215 -23.00 -5.16 -16.34
C LEU A 215 -24.48 -5.11 -16.77
N GLU A 216 -24.71 -4.99 -18.07
CA GLU A 216 -26.06 -5.08 -18.64
C GLU A 216 -26.75 -6.38 -18.19
N VAL A 217 -26.11 -7.53 -18.42
CA VAL A 217 -26.66 -8.82 -18.00
C VAL A 217 -26.88 -8.88 -16.48
N ALA A 218 -25.87 -8.48 -15.69
CA ALA A 218 -26.01 -8.48 -14.23
C ALA A 218 -27.15 -7.60 -13.75
N SER A 219 -27.41 -6.51 -14.45
CA SER A 219 -28.48 -5.60 -14.08
C SER A 219 -29.83 -6.30 -14.12
N THR A 220 -29.93 -7.38 -14.88
CA THR A 220 -31.22 -8.04 -15.10
C THR A 220 -31.63 -8.93 -13.93
N VAL A 221 -30.70 -9.22 -13.02
CA VAL A 221 -31.02 -10.11 -11.91
C VAL A 221 -30.64 -9.45 -10.60
N GLU A 222 -31.29 -9.85 -9.51
CA GLU A 222 -30.96 -9.33 -8.20
C GLU A 222 -29.66 -9.99 -7.66
N ILE A 223 -28.72 -9.18 -7.23
CA ILE A 223 -27.48 -9.68 -6.63
C ILE A 223 -27.31 -9.14 -5.19
N LYS A 224 -27.29 -10.01 -4.18
CA LYS A 224 -26.99 -9.57 -2.81
C LYS A 224 -25.52 -9.76 -2.48
N TYR A 225 -24.85 -10.70 -3.15
CA TYR A 225 -23.44 -11.03 -2.85
C TYR A 225 -22.63 -11.22 -4.12
N ILE A 226 -21.44 -10.62 -4.16
CA ILE A 226 -20.52 -10.94 -5.25
C ILE A 226 -19.29 -11.61 -4.67
N LEU A 227 -19.17 -12.91 -4.93
CA LEU A 227 -18.05 -13.69 -4.43
C LEU A 227 -17.03 -13.82 -5.55
N SER A 228 -15.92 -13.10 -5.40
CA SER A 228 -14.91 -13.02 -6.43
C SER A 228 -13.85 -14.12 -6.23
N ALA A 229 -13.07 -14.40 -7.26
CA ALA A 229 -11.98 -15.41 -7.18
C ALA A 229 -10.62 -14.83 -6.72
N HIS A 230 -10.53 -13.51 -6.55
CA HIS A 230 -9.32 -12.88 -5.97
C HIS A 230 -9.69 -11.90 -4.87
N GLY A 231 -9.04 -12.04 -3.71
CA GLY A 231 -9.15 -11.04 -2.67
C GLY A 231 -10.45 -11.17 -1.91
N VAL A 232 -11.07 -10.03 -1.57
CA VAL A 232 -12.27 -10.04 -0.76
C VAL A 232 -13.53 -9.98 -1.62
N SER A 233 -14.62 -10.42 -1.02
CA SER A 233 -15.92 -10.45 -1.69
C SER A 233 -16.79 -9.30 -1.19
N TRP A 234 -17.95 -9.13 -1.84
CA TRP A 234 -18.71 -7.90 -1.76
C TRP A 234 -20.16 -8.15 -1.32
N ARG A 235 -20.63 -7.26 -0.44
CA ARG A 235 -22.00 -7.21 -0.02
C ARG A 235 -22.39 -5.76 0.41
N GLY A 236 -23.66 -5.55 0.66
CA GLY A 236 -24.15 -4.26 1.06
C GLY A 236 -23.68 -3.03 0.31
N ASP A 237 -23.45 -1.97 1.07
CA ASP A 237 -22.95 -0.73 0.52
C ASP A 237 -21.65 -0.85 -0.25
N ALA A 238 -20.68 -1.60 0.30
CA ALA A 238 -19.41 -1.71 -0.38
C ALA A 238 -19.57 -2.33 -1.77
N MET A 239 -20.48 -3.29 -1.88
CA MET A 239 -20.83 -3.87 -3.18
C MET A 239 -21.33 -2.82 -4.17
N GLY A 240 -22.14 -1.87 -3.68
CA GLY A 240 -22.63 -0.73 -4.50
C GLY A 240 -21.50 0.12 -5.07
N LEU A 241 -20.50 0.39 -4.25
CA LEU A 241 -19.30 1.13 -4.66
C LEU A 241 -18.51 0.43 -5.78
N ALA A 242 -18.33 -0.89 -5.60
CA ALA A 242 -17.57 -1.67 -6.55
C ALA A 242 -18.29 -1.64 -7.91
N ILE A 243 -19.58 -1.92 -7.90
CA ILE A 243 -20.41 -1.89 -9.11
C ILE A 243 -20.35 -0.51 -9.77
N ALA A 244 -20.49 0.54 -8.95
CA ALA A 244 -20.45 1.94 -9.47
C ALA A 244 -19.13 2.29 -10.16
N GLU A 245 -18.01 1.82 -9.63
CA GLU A 245 -16.70 2.06 -10.27
C GLU A 245 -16.59 1.35 -11.62
N TYR A 246 -16.92 0.05 -11.67
CA TYR A 246 -16.96 -0.66 -12.95
C TYR A 246 -17.89 0.03 -13.96
N ASP A 247 -19.03 0.50 -13.48
CA ASP A 247 -19.99 1.18 -14.37
C ASP A 247 -19.40 2.47 -14.96
N ARG A 248 -18.83 3.33 -14.11
CA ARG A 248 -18.19 4.55 -14.58
C ARG A 248 -17.07 4.20 -15.53
N TRP A 249 -16.19 3.29 -15.12
CA TRP A 249 -15.07 2.91 -15.99
C TRP A 249 -15.52 2.38 -17.35
N SER A 250 -16.52 1.49 -17.36
CA SER A 250 -17.02 0.91 -18.63
C SER A 250 -17.53 2.00 -19.58
N LYS A 251 -17.93 3.13 -19.01
CA LYS A 251 -18.45 4.27 -19.77
C LYS A 251 -17.40 5.40 -19.96
N GLY A 252 -16.17 5.18 -19.47
CA GLY A 252 -15.13 6.18 -19.60
C GLY A 252 -15.34 7.40 -18.72
N GLN A 253 -16.09 7.20 -17.63
CA GLN A 253 -16.43 8.28 -16.72
C GLN A 253 -15.64 8.18 -15.42
N HIS A 254 -14.54 7.42 -15.45
CA HIS A 254 -13.78 7.07 -14.23
C HIS A 254 -12.64 8.04 -13.92
N CYS A 255 -12.48 9.09 -14.71
CA CYS A 255 -11.29 9.90 -14.53
C CYS A 255 -11.38 10.96 -13.40
N GLN A 256 -10.22 11.39 -12.92
CA GLN A 256 -10.16 12.38 -11.86
C GLN A 256 -9.49 13.64 -12.39
N LYS A 257 -9.62 14.74 -11.65
CA LYS A 257 -8.88 15.96 -11.94
C LYS A 257 -7.46 15.67 -11.43
N LYS A 258 -6.69 15.01 -12.29
CA LYS A 258 -5.43 14.36 -11.87
C LYS A 258 -4.52 14.30 -13.08
N VAL A 259 -3.27 14.69 -12.86
CA VAL A 259 -2.22 14.59 -13.86
C VAL A 259 -1.15 13.63 -13.33
N THR A 260 -0.77 12.64 -14.15
CA THR A 260 0.38 11.75 -13.82
C THR A 260 1.54 11.96 -14.80
N VAL A 261 2.78 12.12 -14.28
CA VAL A 261 3.96 12.19 -15.12
C VAL A 261 4.76 10.88 -14.95
N VAL A 262 5.06 10.22 -16.05
CA VAL A 262 5.79 8.95 -16.02
C VAL A 262 7.13 9.20 -16.72
N LEU A 263 8.24 8.89 -16.06
CA LEU A 263 9.52 9.20 -16.68
C LEU A 263 10.63 8.30 -16.21
N ASP A 264 11.78 8.48 -16.85
CA ASP A 264 13.01 7.99 -16.26
C ASP A 264 14.05 9.07 -16.55
N SER A 265 15.17 9.04 -15.85
CA SER A 265 16.17 10.10 -15.95
C SER A 265 17.50 9.45 -15.56
N MET A 266 18.61 9.92 -16.12
CA MET A 266 19.94 9.39 -15.78
C MET A 266 20.73 10.32 -14.85
N TYR A 267 20.72 11.62 -15.14
CA TYR A 267 21.40 12.61 -14.29
C TYR A 267 20.45 13.65 -13.69
N GLY A 268 19.15 13.42 -13.83
CA GLY A 268 18.19 14.16 -12.98
C GLY A 268 17.65 15.48 -13.52
N THR A 269 18.12 15.92 -14.69
CA THR A 269 17.59 17.19 -15.23
C THR A 269 16.17 17.04 -15.80
N THR A 270 15.89 15.91 -16.45
CA THR A 270 14.52 15.60 -16.90
C THR A 270 13.60 15.49 -15.67
N HIS A 271 14.12 14.89 -14.60
CA HIS A 271 13.42 14.85 -13.31
C HIS A 271 13.08 16.25 -12.73
N ARG A 272 14.04 17.16 -12.70
CA ARG A 272 13.77 18.51 -12.18
C ARG A 272 12.73 19.27 -13.03
N MET A 273 12.81 19.11 -14.35
CA MET A 273 11.79 19.73 -15.21
C MET A 273 10.42 19.13 -14.92
N ALA A 274 10.40 17.81 -14.68
CA ALA A 274 9.16 17.11 -14.30
C ALA A 274 8.55 17.73 -13.07
N LEU A 275 9.37 18.06 -12.07
CA LEU A 275 8.85 18.66 -10.84
C LEU A 275 8.20 20.03 -11.11
N ALA A 276 8.83 20.84 -11.97
CA ALA A 276 8.28 22.15 -12.31
C ALA A 276 6.94 22.02 -13.05
N LEU A 277 6.89 21.10 -14.00
CA LEU A 277 5.66 20.79 -14.71
C LEU A 277 4.55 20.37 -13.73
N LEU A 278 4.91 19.52 -12.78
CA LEU A 278 3.97 19.00 -11.79
C LEU A 278 3.37 20.12 -10.92
N ASP A 279 4.21 21.05 -10.49
CA ASP A 279 3.70 22.22 -9.77
C ASP A 279 2.73 23.04 -10.60
N GLY A 280 3.01 23.20 -11.89
CA GLY A 280 2.10 23.90 -12.80
C GLY A 280 0.76 23.19 -12.80
N ALA A 281 0.79 21.87 -12.94
CA ALA A 281 -0.45 21.11 -12.95
C ALA A 281 -1.21 21.23 -11.63
N ARG A 282 -0.47 21.24 -10.52
CA ARG A 282 -1.03 21.27 -9.19
C ARG A 282 -1.75 22.59 -8.96
N SER A 283 -1.19 23.66 -9.52
CA SER A 283 -1.77 25.02 -9.39
C SER A 283 -3.20 25.13 -9.92
N THR A 284 -3.57 24.24 -10.83
CA THR A 284 -4.95 24.21 -11.39
C THR A 284 -6.00 23.55 -10.50
N GLY A 285 -5.53 22.90 -9.43
CA GLY A 285 -6.36 22.17 -8.50
C GLY A 285 -6.34 20.66 -8.78
N CYS A 286 -5.54 20.22 -9.74
CA CYS A 286 -5.40 18.77 -9.96
C CYS A 286 -4.51 18.11 -8.91
N GLU A 287 -4.83 16.87 -8.57
CA GLU A 287 -3.84 15.98 -7.96
C GLU A 287 -2.73 15.73 -8.99
N THR A 288 -1.49 15.59 -8.51
CA THR A 288 -0.35 15.32 -9.38
C THR A 288 0.45 14.16 -8.78
N VAL A 289 0.80 13.20 -9.62
CA VAL A 289 1.58 12.03 -9.23
C VAL A 289 2.79 11.98 -10.18
N LEU A 290 3.99 11.81 -9.62
CA LEU A 290 5.18 11.60 -10.42
C LEU A 290 5.64 10.17 -10.22
N LEU A 291 5.83 9.45 -11.31
CA LEU A 291 6.27 8.06 -11.29
C LEU A 291 7.57 7.96 -12.07
N GLU A 292 8.69 7.70 -11.38
CA GLU A 292 9.95 7.50 -12.08
C GLU A 292 10.30 6.02 -12.10
N MET A 293 10.68 5.52 -13.28
CA MET A 293 10.70 4.06 -13.47
C MET A 293 11.74 3.36 -12.61
N THR A 294 12.80 4.05 -12.21
CA THR A 294 13.74 3.46 -11.25
C THR A 294 13.17 3.23 -9.83
N SER A 295 12.03 3.84 -9.51
CA SER A 295 11.39 3.61 -8.21
C SER A 295 9.91 3.27 -8.35
N SER A 296 9.47 2.88 -9.54
CA SER A 296 8.07 2.54 -9.74
C SER A 296 8.02 1.27 -10.56
N ASP A 297 6.86 0.92 -11.07
CA ASP A 297 6.76 -0.27 -11.87
C ASP A 297 5.56 -0.10 -12.79
N ILE A 298 5.45 -0.96 -13.80
CA ILE A 298 4.42 -0.78 -14.81
C ILE A 298 3.02 -0.97 -14.19
N THR A 299 2.92 -1.75 -13.11
CA THR A 299 1.63 -1.96 -12.45
C THR A 299 1.07 -0.63 -11.88
N LYS A 300 1.95 0.14 -11.28
CA LYS A 300 1.60 1.45 -10.74
C LYS A 300 1.37 2.48 -11.87
N VAL A 301 2.13 2.37 -12.94
CA VAL A 301 1.90 3.22 -14.12
C VAL A 301 0.43 3.02 -14.61
N ALA A 302 0.03 1.76 -14.72
CA ALA A 302 -1.35 1.43 -15.14
C ALA A 302 -2.35 1.99 -14.13
N LEU A 303 -2.11 1.74 -12.85
CA LEU A 303 -2.98 2.29 -11.80
C LEU A 303 -3.25 3.80 -11.96
N HIS A 304 -2.20 4.58 -12.14
CA HIS A 304 -2.33 6.02 -12.11
C HIS A 304 -2.83 6.61 -13.41
N THR A 305 -2.38 6.06 -14.53
CA THR A 305 -2.86 6.51 -15.84
C THR A 305 -4.35 6.19 -16.05
N TYR A 306 -4.79 5.04 -15.56
CA TYR A 306 -6.20 4.69 -15.45
C TYR A 306 -7.17 5.86 -15.18
N ASP A 307 -6.89 6.62 -14.14
CA ASP A 307 -7.84 7.60 -13.63
C ASP A 307 -7.25 9.00 -13.62
N SER A 308 -6.24 9.22 -14.48
CA SER A 308 -5.75 10.58 -14.73
C SER A 308 -6.59 11.19 -15.84
N GLY A 309 -6.78 12.50 -15.74
CA GLY A 309 -7.44 13.29 -16.77
C GLY A 309 -6.45 13.71 -17.83
N ALA A 310 -5.16 13.61 -17.50
CA ALA A 310 -4.09 13.92 -18.44
C ALA A 310 -2.77 13.28 -17.97
N VAL A 311 -1.88 13.04 -18.93
CA VAL A 311 -0.58 12.42 -18.61
C VAL A 311 0.58 13.14 -19.30
N ALA A 312 1.76 12.94 -18.76
CA ALA A 312 3.01 13.28 -19.47
C ALA A 312 4.01 12.12 -19.37
N PHE A 313 4.74 11.89 -20.47
CA PHE A 313 5.82 10.92 -20.50
C PHE A 313 7.11 11.60 -20.88
N ALA A 314 8.18 11.22 -20.20
CA ALA A 314 9.45 11.92 -20.38
C ALA A 314 10.61 10.98 -20.28
N SER A 315 11.66 11.29 -21.03
CA SER A 315 12.91 10.53 -21.00
C SER A 315 14.02 11.37 -21.63
N PRO A 316 15.25 11.28 -21.09
CA PRO A 316 16.39 11.73 -21.92
C PRO A 316 16.60 10.81 -23.11
N THR A 317 17.33 11.32 -24.11
CA THR A 317 17.73 10.50 -25.23
C THR A 317 18.86 9.56 -24.77
N LEU A 318 18.62 8.27 -24.93
CA LEU A 318 19.64 7.26 -24.66
C LEU A 318 19.84 6.46 -25.94
N ASN A 319 21.03 6.56 -26.52
CA ASN A 319 21.40 5.80 -27.73
C ASN A 319 20.36 5.98 -28.81
N ASN A 320 20.03 7.25 -29.10
CA ASN A 320 19.15 7.64 -30.21
C ASN A 320 17.69 7.27 -30.05
N THR A 321 17.28 6.95 -28.83
CA THR A 321 15.88 6.68 -28.57
C THR A 321 15.50 7.03 -27.13
N MET A 322 14.32 6.62 -26.68
CA MET A 322 13.91 6.82 -25.28
C MET A 322 14.53 5.73 -24.41
N MET A 323 14.56 5.96 -23.10
CA MET A 323 15.08 4.93 -22.18
C MET A 323 14.19 3.67 -22.25
N PRO A 324 14.81 2.46 -22.18
CA PRO A 324 14.07 1.19 -22.28
C PRO A 324 12.91 1.11 -21.28
N SER A 325 13.09 1.66 -20.07
CA SER A 325 12.03 1.60 -19.02
C SER A 325 10.75 2.36 -19.47
N VAL A 326 10.97 3.44 -20.19
CA VAL A 326 9.84 4.25 -20.69
C VAL A 326 9.17 3.53 -21.88
N ALA A 327 9.96 2.90 -22.75
CA ALA A 327 9.41 2.01 -23.82
C ALA A 327 8.53 0.89 -23.21
N ALA A 328 8.96 0.34 -22.09
CA ALA A 328 8.15 -0.72 -21.46
C ALA A 328 6.83 -0.13 -20.96
N ALA A 329 6.92 1.04 -20.29
CA ALA A 329 5.73 1.66 -19.70
C ALA A 329 4.74 2.03 -20.80
N LEU A 330 5.26 2.54 -21.93
CA LEU A 330 4.39 2.85 -23.06
C LEU A 330 3.76 1.62 -23.72
N ASN A 331 4.55 0.55 -23.93
CA ASN A 331 4.00 -0.73 -24.41
C ASN A 331 2.83 -1.18 -23.53
N TYR A 332 3.02 -1.12 -22.22
CA TYR A 332 2.04 -1.64 -21.28
C TYR A 332 0.77 -0.80 -21.36
N VAL A 333 0.94 0.51 -21.30
CA VAL A 333 -0.18 1.45 -21.34
C VAL A 333 -0.95 1.39 -22.68
N ARG A 334 -0.21 1.25 -23.78
CA ARG A 334 -0.79 1.08 -25.12
C ARG A 334 -1.69 -0.17 -25.15
N GLY A 335 -1.16 -1.31 -24.68
CA GLY A 335 -1.88 -2.59 -24.69
C GLY A 335 -3.16 -2.50 -23.88
N LEU A 336 -3.11 -1.76 -22.78
CA LEU A 336 -4.28 -1.62 -21.90
C LEU A 336 -5.23 -0.49 -22.28
N THR A 337 -4.85 0.33 -23.26
CA THR A 337 -5.69 1.44 -23.81
C THR A 337 -6.04 2.56 -22.81
N LEU A 338 -5.32 2.58 -21.68
CA LEU A 338 -5.60 3.46 -20.54
C LEU A 338 -5.56 4.95 -20.83
N ILE A 339 -4.81 5.37 -21.84
CA ILE A 339 -4.76 6.82 -22.13
C ILE A 339 -5.34 7.19 -23.48
N LYS A 340 -6.05 6.26 -24.11
CA LYS A 340 -6.71 6.56 -25.39
C LYS A 340 -7.62 7.79 -25.21
N GLY A 341 -7.47 8.77 -26.09
CA GLY A 341 -8.26 10.01 -26.04
C GLY A 341 -7.83 11.08 -25.03
N LYS A 342 -6.83 10.76 -24.19
CA LYS A 342 -6.45 11.64 -23.06
C LYS A 342 -5.37 12.65 -23.47
N PRO A 343 -5.47 13.89 -22.95
CA PRO A 343 -4.42 14.87 -23.25
C PRO A 343 -3.07 14.28 -22.80
N ALA A 344 -2.06 14.32 -23.65
CA ALA A 344 -0.75 13.72 -23.32
C ALA A 344 0.40 14.60 -23.82
N PHE A 345 1.37 14.83 -22.93
CA PHE A 345 2.49 15.74 -23.18
C PHE A 345 3.80 14.95 -23.04
N ALA A 346 4.84 15.40 -23.74
CA ALA A 346 6.15 14.74 -23.66
C ALA A 346 7.26 15.76 -23.51
N PHE A 347 8.32 15.41 -22.78
CA PHE A 347 9.47 16.32 -22.66
C PHE A 347 10.73 15.52 -22.33
N GLY A 348 11.89 16.15 -22.40
CA GLY A 348 13.11 15.43 -22.05
C GLY A 348 14.37 16.13 -22.50
N ALA A 349 15.45 15.80 -21.82
CA ALA A 349 16.79 16.30 -22.16
C ALA A 349 17.42 15.54 -23.32
N PHE A 350 18.41 16.14 -23.96
CA PHE A 350 19.25 15.40 -24.90
C PHE A 350 20.64 16.04 -24.88
N GLY A 351 21.60 15.32 -25.44
CA GLY A 351 22.98 15.76 -25.48
C GLY A 351 23.35 16.36 -26.81
N TRP A 352 23.04 15.67 -27.89
CA TRP A 352 23.44 16.13 -29.23
C TRP A 352 22.37 15.97 -30.28
N SER A 353 21.50 14.97 -30.12
CA SER A 353 20.46 14.72 -31.10
C SER A 353 19.16 14.32 -30.38
N ASN A 354 18.15 15.16 -30.53
CA ASN A 354 16.85 14.96 -29.87
C ASN A 354 16.06 13.79 -30.47
N ARG A 355 16.03 12.66 -29.79
CA ARG A 355 15.33 11.48 -30.32
C ARG A 355 14.24 10.89 -29.42
N ALA A 356 14.44 10.99 -28.11
CA ALA A 356 13.49 10.38 -27.17
C ALA A 356 12.11 11.03 -27.27
N VAL A 357 12.06 12.36 -27.28
CA VAL A 357 10.80 13.08 -27.27
C VAL A 357 9.97 12.83 -28.57
N PRO A 358 10.58 12.99 -29.77
CA PRO A 358 9.89 12.53 -30.98
C PRO A 358 9.39 11.10 -30.92
N ASP A 359 10.19 10.16 -30.39
CA ASP A 359 9.78 8.77 -30.27
C ASP A 359 8.62 8.62 -29.26
N ILE A 360 8.67 9.36 -28.16
CA ILE A 360 7.57 9.31 -27.19
C ILE A 360 6.27 9.89 -27.81
N VAL A 361 6.39 11.03 -28.47
CA VAL A 361 5.23 11.66 -29.15
C VAL A 361 4.58 10.69 -30.16
N ALA A 362 5.40 10.04 -30.99
CA ALA A 362 4.88 9.12 -32.00
C ALA A 362 4.16 7.95 -31.32
N GLU A 363 4.75 7.44 -30.24
CA GLU A 363 4.14 6.32 -29.54
C GLU A 363 2.84 6.75 -28.86
N LEU A 364 2.84 7.92 -28.23
CA LEU A 364 1.60 8.44 -27.59
C LEU A 364 0.46 8.66 -28.61
N ARG A 365 0.83 9.21 -29.75
CA ARG A 365 -0.13 9.61 -30.78
C ARG A 365 -0.61 8.40 -31.59
N ASP A 366 0.31 7.63 -32.15
CA ASP A 366 -0.03 6.54 -33.07
C ASP A 366 -0.25 5.19 -32.38
N GLY A 367 0.47 4.95 -31.29
CA GLY A 367 0.29 3.68 -30.53
C GLY A 367 -0.81 3.81 -29.50
N CYS A 368 -0.69 4.75 -28.57
CA CYS A 368 -1.69 4.88 -27.49
C CYS A 368 -2.97 5.59 -27.91
N LYS A 369 -2.91 6.27 -29.06
CA LYS A 369 -4.01 7.13 -29.51
C LYS A 369 -4.48 8.17 -28.47
N ALA A 370 -3.49 8.77 -27.81
CA ALA A 370 -3.72 9.86 -26.90
C ALA A 370 -3.94 11.16 -27.70
N ASP A 371 -4.49 12.15 -27.01
CA ASP A 371 -4.62 13.53 -27.53
C ASP A 371 -3.29 14.27 -27.35
N VAL A 372 -2.39 14.09 -28.33
CA VAL A 372 -1.08 14.71 -28.26
C VAL A 372 -1.22 16.13 -28.89
N TYR A 373 -1.64 17.07 -28.06
CA TYR A 373 -1.97 18.42 -28.49
C TYR A 373 -0.76 19.28 -28.86
N ASP A 374 0.40 18.95 -28.32
CA ASP A 374 1.64 19.67 -28.62
C ASP A 374 2.72 18.65 -28.97
N GLU A 375 2.98 18.45 -30.25
CA GLU A 375 3.93 17.43 -30.68
C GLU A 375 5.42 17.83 -30.62
N LYS A 376 5.69 19.05 -30.21
CA LYS A 376 7.06 19.49 -30.01
C LYS A 376 7.52 19.14 -28.61
N GLY A 377 6.62 19.27 -27.62
CA GLY A 377 6.98 19.11 -26.22
C GLY A 377 8.00 20.15 -25.75
N ILE A 378 8.78 19.76 -24.75
CA ILE A 378 9.89 20.61 -24.31
C ILE A 378 11.15 19.76 -24.36
N THR A 379 12.15 20.22 -25.10
CA THR A 379 13.44 19.55 -25.11
C THR A 379 14.52 20.59 -24.84
N PHE A 380 15.66 20.12 -24.36
CA PHE A 380 16.78 20.99 -24.03
C PHE A 380 18.05 20.18 -24.00
N LYS A 381 19.16 20.82 -24.30
CA LYS A 381 20.48 20.20 -24.27
C LYS A 381 21.18 20.25 -22.92
N PHE A 382 21.34 19.09 -22.33
CA PHE A 382 22.09 18.83 -21.12
C PHE A 382 21.49 19.27 -19.80
N ASN A 383 21.18 20.55 -19.68
CA ASN A 383 20.76 21.10 -18.42
C ASN A 383 19.60 22.09 -18.50
N TYR A 384 18.80 22.18 -17.44
CA TYR A 384 17.71 23.13 -17.34
C TYR A 384 18.26 24.50 -16.86
N THR A 385 17.43 25.53 -17.01
CA THR A 385 17.69 26.88 -16.50
C THR A 385 16.42 27.32 -15.81
N GLU A 386 16.47 28.37 -15.01
CA GLU A 386 15.23 28.97 -14.51
C GLU A 386 14.18 29.26 -15.58
N GLU A 387 14.60 29.69 -16.76
CA GLU A 387 13.68 29.97 -17.85
C GLU A 387 12.97 28.70 -18.32
N LEU A 388 13.74 27.61 -18.45
CA LEU A 388 13.20 26.32 -18.83
C LEU A 388 12.24 25.74 -17.78
N LEU A 389 12.58 25.85 -16.50
CA LEU A 389 11.65 25.47 -15.42
C LEU A 389 10.31 26.24 -15.49
N GLU A 390 10.38 27.53 -15.77
CA GLU A 390 9.18 28.34 -15.98
C GLU A 390 8.35 27.85 -17.17
N GLN A 391 9.02 27.50 -18.27
CA GLN A 391 8.33 26.97 -19.43
C GLN A 391 7.66 25.62 -19.07
N ALA A 392 8.35 24.82 -18.26
CA ALA A 392 7.80 23.53 -17.82
C ALA A 392 6.59 23.75 -16.95
N TYR A 393 6.70 24.69 -16.02
CA TYR A 393 5.60 25.06 -15.11
C TYR A 393 4.38 25.49 -15.92
N ASN A 394 4.61 26.36 -16.93
CA ASN A 394 3.51 26.81 -17.78
C ASN A 394 2.86 25.69 -18.61
N ALA A 395 3.68 24.79 -19.15
CA ALA A 395 3.17 23.61 -19.82
C ALA A 395 2.32 22.75 -18.87
N GLY A 396 2.70 22.72 -17.59
CA GLY A 396 1.94 21.98 -16.57
C GLY A 396 0.60 22.63 -16.25
N VAL A 397 0.57 23.95 -16.15
CA VAL A 397 -0.67 24.66 -15.92
C VAL A 397 -1.64 24.26 -17.02
N ASP A 398 -1.18 24.31 -18.28
CA ASP A 398 -2.00 24.03 -19.46
C ASP A 398 -2.45 22.57 -19.45
N LEU A 399 -1.54 21.68 -19.05
CA LEU A 399 -1.88 20.26 -18.98
C LEU A 399 -2.96 19.98 -17.94
N GLY A 400 -2.85 20.66 -16.79
CA GLY A 400 -3.83 20.57 -15.70
C GLY A 400 -5.21 21.07 -16.15
N LYS A 401 -5.23 22.24 -16.78
CA LYS A 401 -6.47 22.75 -17.41
C LYS A 401 -7.07 21.76 -18.40
N ARG A 402 -6.23 21.16 -19.26
CA ARG A 402 -6.70 20.12 -20.19
C ARG A 402 -7.22 18.87 -19.51
N ALA A 403 -6.61 18.49 -18.40
CA ALA A 403 -7.11 17.38 -17.58
C ALA A 403 -8.52 17.72 -17.03
N ILE A 404 -8.69 18.93 -16.53
CA ILE A 404 -9.97 19.35 -15.96
C ILE A 404 -11.02 19.34 -17.07
N ALA A 405 -10.65 19.85 -18.24
CA ALA A 405 -11.56 19.88 -19.40
C ALA A 405 -11.96 18.48 -19.84
N TYR A 406 -10.98 17.57 -19.87
CA TYR A 406 -11.24 16.20 -20.29
C TYR A 406 -12.22 15.52 -19.33
N CYS A 407 -12.05 15.74 -18.04
CA CYS A 407 -12.95 15.18 -17.05
C CYS A 407 -14.36 15.75 -17.14
N GLU A 408 -14.45 17.04 -17.39
CA GLU A 408 -15.75 17.70 -17.54
C GLU A 408 -16.50 17.10 -18.74
N LYS A 409 -15.80 16.92 -19.85
CA LYS A 409 -16.37 16.37 -21.08
C LYS A 409 -16.81 14.91 -20.91
N ASN A 410 -16.10 14.17 -20.09
CA ASN A 410 -16.39 12.75 -19.93
C ASN A 410 -17.08 12.44 -18.60
N ALA A 411 -17.65 13.46 -17.96
CA ALA A 411 -18.08 13.34 -16.57
C ALA A 411 -19.17 12.29 -16.41
N PRO A 412 -19.16 11.60 -15.29
CA PRO A 412 -20.22 10.65 -14.96
C PRO A 412 -21.57 11.35 -14.83
N LYS B 6 8.49 32.08 -12.21
CA LYS B 6 7.62 31.21 -11.43
C LYS B 6 7.65 29.78 -11.96
N TYR B 7 8.23 28.88 -11.16
CA TYR B 7 8.18 27.46 -11.47
C TYR B 7 7.84 26.63 -10.23
N VAL B 8 7.36 27.30 -9.19
CA VAL B 8 6.70 26.63 -8.08
C VAL B 8 5.34 27.27 -7.79
N GLN B 9 4.43 26.46 -7.26
CA GLN B 9 3.13 26.97 -6.82
C GLN B 9 3.21 27.32 -5.34
N ASP B 10 2.79 28.54 -4.99
CA ASP B 10 2.69 28.91 -3.58
C ASP B 10 1.50 28.19 -3.00
N GLN B 11 1.71 27.65 -1.79
CA GLN B 11 0.74 26.75 -1.21
C GLN B 11 0.37 27.21 0.20
N GLU B 12 -0.58 28.15 0.28
CA GLU B 12 -1.05 28.65 1.57
C GLU B 12 -1.93 27.59 2.18
N MET B 13 -1.56 27.10 3.36
CA MET B 13 -2.34 26.04 4.00
C MET B 13 -3.38 26.57 4.97
N ILE B 14 -2.99 27.56 5.76
CA ILE B 14 -3.91 28.40 6.54
C ILE B 14 -3.41 29.84 6.41
N PRO B 15 -4.25 30.83 6.79
CA PRO B 15 -3.89 32.24 6.56
C PRO B 15 -2.47 32.58 7.05
N GLY B 16 -1.64 32.98 6.09
CA GLY B 16 -0.27 33.40 6.33
C GLY B 16 0.73 32.27 6.59
N VAL B 17 0.29 31.01 6.48
CA VAL B 17 1.19 29.87 6.72
C VAL B 17 1.27 29.02 5.44
N TYR B 18 2.49 28.89 4.90
CA TYR B 18 2.73 28.30 3.58
C TYR B 18 3.58 27.03 3.66
N TRP B 19 3.19 26.01 2.91
CA TRP B 19 4.05 24.82 2.75
C TRP B 19 5.19 25.15 1.76
N VAL B 20 6.42 25.04 2.23
CA VAL B 20 7.58 25.27 1.37
C VAL B 20 8.56 24.07 1.41
N GLY B 21 8.01 22.86 1.60
CA GLY B 21 8.82 21.65 1.73
C GLY B 21 9.06 21.02 0.38
N ILE B 22 9.41 19.75 0.37
CA ILE B 22 9.57 19.05 -0.88
C ILE B 22 8.92 17.68 -0.73
N VAL B 23 8.44 17.16 -1.85
CA VAL B 23 7.94 15.77 -1.89
C VAL B 23 9.03 14.88 -2.46
N ASP B 24 9.43 13.86 -1.70
CA ASP B 24 10.46 12.92 -2.17
C ASP B 24 9.76 11.72 -2.79
N TRP B 25 9.41 11.89 -4.06
CA TRP B 25 8.64 10.90 -4.81
C TRP B 25 9.37 9.58 -4.95
N MET B 26 10.70 9.63 -4.96
CA MET B 26 11.52 8.49 -5.39
C MET B 26 12.10 7.67 -4.25
N VAL B 27 12.17 8.23 -3.04
CA VAL B 27 12.85 7.50 -1.95
C VAL B 27 12.13 6.17 -1.65
N ARG B 28 12.90 5.08 -1.59
CA ARG B 28 12.35 3.76 -1.30
C ARG B 28 12.95 3.12 -0.07
N ILE B 29 14.17 3.51 0.27
CA ILE B 29 14.80 3.05 1.50
C ILE B 29 15.31 4.27 2.22
N PHE B 30 14.89 4.43 3.46
CA PHE B 30 15.26 5.63 4.18
C PHE B 30 15.72 5.27 5.57
N HIS B 31 17.04 5.34 5.82
CA HIS B 31 17.60 4.83 7.07
C HIS B 31 17.08 3.42 7.40
N GLY B 32 16.94 2.57 6.38
CA GLY B 32 16.48 1.19 6.57
C GLY B 32 14.96 1.00 6.63
N TYR B 33 14.22 2.11 6.64
CA TYR B 33 12.75 2.06 6.53
C TYR B 33 12.40 1.92 5.05
N HIS B 34 11.55 0.95 4.73
CA HIS B 34 11.07 0.75 3.37
C HIS B 34 9.93 1.72 3.12
N THR B 35 10.25 2.85 2.51
CA THR B 35 9.28 3.90 2.24
C THR B 35 8.63 3.63 0.86
N ASP B 36 7.76 2.64 0.83
CA ASP B 36 7.18 2.15 -0.43
C ASP B 36 6.40 3.24 -1.13
N GLU B 37 5.91 4.20 -0.35
CA GLU B 37 5.17 5.32 -0.92
C GLU B 37 5.90 6.67 -0.87
N GLY B 38 7.23 6.61 -0.82
CA GLY B 38 8.07 7.81 -0.77
C GLY B 38 7.88 8.58 0.53
N SER B 39 8.24 9.85 0.53
CA SER B 39 8.05 10.65 1.73
C SER B 39 7.97 12.10 1.33
N SER B 40 7.90 12.98 2.32
CA SER B 40 8.10 14.43 2.10
C SER B 40 8.83 15.01 3.30
N TYR B 41 9.51 16.13 3.10
CA TYR B 41 10.18 16.87 4.17
C TYR B 41 9.50 18.21 4.15
N ASN B 42 8.56 18.40 5.07
CA ASN B 42 7.72 19.59 5.06
C ASN B 42 8.41 20.68 5.88
N SER B 43 8.43 21.86 5.29
CA SER B 43 8.97 23.07 5.90
C SER B 43 7.87 24.11 5.71
N TYR B 44 7.83 25.10 6.58
CA TYR B 44 6.70 26.07 6.51
C TYR B 44 7.20 27.49 6.59
N PHE B 45 6.50 28.38 5.91
CA PHE B 45 6.82 29.79 5.94
C PHE B 45 5.66 30.53 6.57
N ILE B 46 5.97 31.35 7.58
CA ILE B 46 4.98 32.15 8.30
C ILE B 46 5.18 33.59 7.89
N ASP B 47 4.15 34.12 7.26
CA ASP B 47 4.18 35.47 6.71
C ASP B 47 3.79 36.40 7.84
N ASP B 48 4.77 36.92 8.56
CA ASP B 48 4.46 37.83 9.67
C ASP B 48 5.48 38.95 9.64
N GLU B 49 5.42 39.84 10.64
CA GLU B 49 6.36 40.95 10.73
C GLU B 49 7.81 40.47 10.68
N CYS B 50 8.12 39.43 11.47
CA CYS B 50 9.40 38.70 11.40
C CYS B 50 9.15 37.41 10.59
N PRO B 51 9.42 37.43 9.27
CA PRO B 51 9.10 36.28 8.42
C PRO B 51 9.93 35.10 8.90
N THR B 52 9.26 33.97 9.07
CA THR B 52 9.82 32.86 9.80
C THR B 52 9.67 31.60 8.97
N VAL B 53 10.73 30.78 8.99
CA VAL B 53 10.75 29.46 8.34
C VAL B 53 10.82 28.42 9.43
N ILE B 54 10.00 27.37 9.29
CA ILE B 54 10.01 26.28 10.23
C ILE B 54 10.62 25.10 9.52
N ASP B 55 11.76 24.65 10.05
CA ASP B 55 12.50 23.50 9.53
C ASP B 55 13.11 23.64 8.13
N SER B 56 14.02 22.72 7.81
CA SER B 56 14.68 22.70 6.52
C SER B 56 14.39 21.32 5.87
N VAL B 57 15.23 20.93 4.91
CA VAL B 57 15.06 19.67 4.20
C VAL B 57 16.40 19.01 3.90
N LYS B 58 16.37 17.73 3.54
CA LYS B 58 17.58 16.99 3.24
C LYS B 58 18.16 17.40 1.89
N TYR B 59 19.46 17.18 1.71
CA TYR B 59 20.34 18.22 1.20
C TYR B 59 20.33 18.23 -0.33
N PRO B 60 19.86 17.14 -0.92
CA PRO B 60 19.69 17.07 -2.38
C PRO B 60 18.57 17.98 -2.87
N PHE B 61 17.70 18.40 -1.95
CA PHE B 61 16.53 19.20 -2.31
C PHE B 61 16.68 20.66 -1.89
N ALA B 62 17.90 21.05 -1.50
CA ALA B 62 18.15 22.42 -1.00
C ALA B 62 17.61 23.51 -1.93
N GLU B 63 17.89 23.42 -3.23
CA GLU B 63 17.51 24.49 -4.17
C GLU B 63 15.98 24.59 -4.35
N GLU B 64 15.32 23.44 -4.38
CA GLU B 64 13.84 23.45 -4.44
C GLU B 64 13.22 24.09 -3.21
N TRP B 65 13.76 23.79 -2.02
CA TRP B 65 13.32 24.38 -0.76
C TRP B 65 13.55 25.90 -0.80
N LEU B 66 14.77 26.30 -1.17
CA LEU B 66 15.13 27.72 -1.23
C LEU B 66 14.24 28.49 -2.22
N SER B 67 13.93 27.83 -3.34
CA SER B 67 13.05 28.42 -4.35
C SER B 67 11.64 28.67 -3.85
N ARG B 68 11.10 27.72 -3.09
CA ARG B 68 9.73 27.90 -2.56
C ARG B 68 9.71 28.99 -1.48
N ILE B 69 10.75 29.06 -0.66
CA ILE B 69 10.84 30.13 0.33
C ILE B 69 10.92 31.49 -0.38
N ALA B 70 11.79 31.58 -1.37
CA ALA B 70 12.04 32.82 -2.10
C ALA B 70 10.77 33.29 -2.82
N ALA B 71 9.95 32.34 -3.23
CA ALA B 71 8.69 32.71 -3.86
C ALA B 71 7.77 33.43 -2.87
N CYS B 72 7.92 33.14 -1.56
CA CYS B 72 7.14 33.77 -0.50
C CYS B 72 7.77 35.06 0.02
N CYS B 73 9.10 35.05 0.16
CA CYS B 73 9.85 36.12 0.80
C CYS B 73 11.33 36.02 0.40
N PRO B 74 11.96 37.15 0.04
CA PRO B 74 13.40 37.15 -0.28
C PRO B 74 14.16 36.47 0.82
N LEU B 75 15.11 35.60 0.45
CA LEU B 75 15.89 34.89 1.44
C LEU B 75 16.57 35.82 2.46
N ASP B 76 17.03 36.98 1.99
CA ASP B 76 17.64 37.99 2.90
C ASP B 76 16.65 38.77 3.79
N LYS B 77 15.35 38.53 3.65
CA LYS B 77 14.36 39.14 4.54
C LYS B 77 13.80 38.16 5.57
N ILE B 78 14.20 36.89 5.50
CA ILE B 78 13.82 35.96 6.58
C ILE B 78 14.50 36.38 7.90
N LYS B 79 13.74 36.44 8.97
CA LYS B 79 14.28 36.82 10.26
C LYS B 79 14.62 35.63 11.14
N TYR B 80 13.77 34.59 11.10
CA TYR B 80 13.94 33.43 11.97
C TYR B 80 13.82 32.14 11.17
N VAL B 81 14.71 31.19 11.47
CA VAL B 81 14.57 29.81 10.98
C VAL B 81 14.52 28.95 12.22
N VAL B 82 13.34 28.38 12.47
CA VAL B 82 13.12 27.54 13.64
C VAL B 82 13.45 26.09 13.25
N MET B 83 14.34 25.49 14.04
CA MET B 83 14.74 24.09 13.84
C MET B 83 14.29 23.26 15.02
N ASN B 84 13.39 22.33 14.74
CA ASN B 84 12.80 21.44 15.73
C ASN B 84 13.64 20.24 16.08
N HIS B 85 14.58 19.90 15.19
CA HIS B 85 15.21 18.58 15.16
C HIS B 85 16.40 18.66 14.21
N ALA B 86 17.51 18.04 14.59
CA ALA B 86 18.76 18.19 13.84
C ALA B 86 19.00 17.07 12.82
N GLU B 87 18.06 16.14 12.70
CA GLU B 87 18.26 15.01 11.79
C GLU B 87 18.32 15.46 10.34
N GLY B 88 19.18 14.81 9.56
CA GLY B 88 19.48 15.24 8.19
C GLY B 88 18.27 15.46 7.31
N ASP B 89 17.24 14.64 7.47
CA ASP B 89 16.08 14.82 6.59
C ASP B 89 15.38 16.18 6.74
N HIS B 90 15.61 16.86 7.86
CA HIS B 90 14.98 18.14 8.12
C HIS B 90 16.03 19.26 8.19
N ALA B 91 17.29 18.89 8.03
CA ALA B 91 18.39 19.68 8.57
C ALA B 91 19.46 19.93 7.51
N SER B 92 19.79 18.88 6.75
CA SER B 92 21.12 18.73 6.19
C SER B 92 21.38 19.75 5.09
N SER B 93 20.32 20.39 4.62
CA SER B 93 20.44 21.47 3.66
C SER B 93 21.20 22.65 4.23
N LEU B 94 21.31 22.69 5.56
CA LEU B 94 21.84 23.86 6.26
C LEU B 94 23.36 23.92 6.14
N LYS B 95 23.99 22.75 5.96
CA LYS B 95 25.45 22.66 5.91
C LYS B 95 25.99 23.61 4.88
N ASP B 96 25.47 23.50 3.65
CA ASP B 96 26.00 24.28 2.54
C ASP B 96 25.12 25.46 2.13
N HIS B 97 24.04 25.71 2.87
CA HIS B 97 22.99 26.59 2.40
C HIS B 97 22.54 27.54 3.52
N TYR B 98 23.04 27.30 4.72
CA TYR B 98 22.59 28.04 5.89
C TYR B 98 22.90 29.53 5.78
N HIS B 99 23.78 29.87 4.85
CA HIS B 99 24.29 31.23 4.73
C HIS B 99 23.35 32.10 3.89
N LYS B 100 22.55 31.45 3.05
CA LYS B 100 21.64 32.16 2.17
C LYS B 100 20.62 32.98 2.95
N PHE B 101 20.43 32.63 4.22
CA PHE B 101 19.59 33.42 5.11
C PHE B 101 20.44 34.48 5.82
N THR B 102 20.83 35.46 5.02
CA THR B 102 21.74 36.57 5.38
C THR B 102 21.45 37.23 6.71
N ASN B 103 20.17 37.46 6.97
CA ASN B 103 19.76 38.27 8.11
C ASN B 103 18.95 37.53 9.15
N ALA B 104 19.00 36.20 9.07
CA ALA B 104 18.19 35.36 9.93
C ALA B 104 18.91 34.96 11.18
N THR B 105 18.12 34.71 12.20
CA THR B 105 18.55 34.03 13.42
C THR B 105 17.97 32.60 13.46
N PHE B 106 18.84 31.63 13.78
CA PHE B 106 18.42 30.24 13.88
C PHE B 106 17.95 30.00 15.30
N VAL B 107 16.70 29.58 15.40
CA VAL B 107 16.01 29.46 16.67
C VAL B 107 15.82 28.02 17.04
N CYS B 108 16.36 27.61 18.19
CA CYS B 108 16.25 26.21 18.62
C CYS B 108 16.67 26.06 20.07
N THR B 109 16.52 24.85 20.61
CA THR B 109 16.92 24.57 21.97
C THR B 109 18.41 24.34 22.01
N LYS B 110 18.95 24.30 23.23
CA LYS B 110 20.38 24.11 23.42
C LYS B 110 20.85 22.79 22.81
N LYS B 111 20.14 21.70 23.08
CA LYS B 111 20.56 20.41 22.55
C LYS B 111 20.45 20.38 21.03
N CYS B 112 19.41 20.99 20.47
CA CYS B 112 19.34 21.09 19.01
C CYS B 112 20.51 21.87 18.45
N GLN B 113 20.85 23.01 19.08
CA GLN B 113 21.95 23.83 18.58
C GLN B 113 23.26 23.02 18.59
N GLU B 114 23.47 22.25 19.66
CA GLU B 114 24.69 21.42 19.79
C GLU B 114 24.81 20.39 18.62
N HIS B 115 23.71 19.69 18.33
CA HIS B 115 23.70 18.67 17.29
C HIS B 115 23.83 19.29 15.91
N LEU B 116 23.20 20.44 15.67
CA LEU B 116 23.29 21.12 14.37
C LEU B 116 24.75 21.51 14.04
N LYS B 117 25.43 22.06 15.02
CA LYS B 117 26.83 22.45 14.86
C LYS B 117 27.75 21.25 14.60
N ILE B 118 27.57 20.16 15.35
CA ILE B 118 28.37 18.96 15.19
C ILE B 118 28.16 18.37 13.80
N LEU B 119 26.90 18.33 13.37
CA LEU B 119 26.55 17.76 12.06
C LEU B 119 27.10 18.63 10.94
N TYR B 120 26.72 19.91 10.94
CA TYR B 120 26.68 20.70 9.71
C TYR B 120 27.57 21.93 9.82
N GLY B 121 28.10 22.17 11.02
CA GLY B 121 29.05 23.25 11.24
C GLY B 121 28.35 24.56 11.57
N MET B 122 27.91 25.28 10.54
CA MET B 122 27.09 26.48 10.73
C MET B 122 27.86 27.54 11.55
N GLU B 123 29.14 27.67 11.25
CA GLU B 123 30.07 28.38 12.12
C GLU B 123 29.78 29.87 12.22
N LYS B 124 29.25 30.46 11.15
CA LYS B 124 28.95 31.89 11.12
C LYS B 124 27.48 32.24 11.48
N ALA B 125 26.67 31.25 11.85
CA ALA B 125 25.24 31.50 12.11
C ALA B 125 24.98 32.33 13.38
N THR B 126 23.89 33.11 13.38
CA THR B 126 23.40 33.74 14.60
C THR B 126 22.32 32.86 15.23
N TRP B 127 22.43 32.63 16.54
CA TRP B 127 21.53 31.75 17.28
C TRP B 127 20.65 32.49 18.28
N LEU B 128 19.46 31.96 18.51
CA LEU B 128 18.64 32.29 19.66
C LEU B 128 18.25 30.97 20.29
N ILE B 129 18.74 30.74 21.51
CA ILE B 129 18.54 29.46 22.20
C ILE B 129 17.30 29.63 23.08
N VAL B 130 16.25 28.88 22.73
CA VAL B 130 14.98 28.93 23.41
C VAL B 130 14.80 27.73 24.33
N ASP B 131 13.74 27.77 25.12
CA ASP B 131 13.42 26.66 26.02
C ASP B 131 11.92 26.58 26.28
N ASP B 132 11.48 25.74 27.21
CA ASP B 132 10.04 25.46 27.36
C ASP B 132 9.28 26.60 28.02
N LYS B 133 10.00 27.64 28.43
CA LYS B 133 9.34 28.83 28.99
C LYS B 133 9.47 30.05 28.09
N TYR B 134 10.30 29.97 27.06
CA TYR B 134 10.58 31.11 26.18
C TYR B 134 9.43 31.39 25.24
N THR B 135 9.03 32.66 25.13
CA THR B 135 7.99 33.06 24.17
C THR B 135 8.65 33.94 23.11
N LEU B 136 8.51 33.58 21.85
CA LEU B 136 9.16 34.36 20.78
C LEU B 136 8.13 35.16 19.98
N LYS B 137 8.26 36.49 20.01
CA LYS B 137 7.35 37.39 19.26
C LYS B 137 7.84 37.40 17.83
N ILE B 138 6.92 37.13 16.91
CA ILE B 138 7.24 37.26 15.49
C ILE B 138 6.35 38.26 14.76
N GLY B 139 5.54 39.00 15.53
CA GLY B 139 4.64 40.02 14.98
C GLY B 139 3.25 39.81 15.55
N LYS B 140 2.29 39.51 14.67
CA LYS B 140 0.94 39.15 15.07
C LYS B 140 0.97 37.90 15.94
N ARG B 141 1.89 36.99 15.61
CA ARG B 141 1.94 35.70 16.25
C ARG B 141 3.06 35.59 17.27
N THR B 142 2.90 34.65 18.19
CA THR B 142 3.99 34.25 19.05
C THR B 142 4.25 32.75 18.85
N LEU B 143 5.48 32.32 19.15
CA LEU B 143 5.87 30.91 19.12
C LEU B 143 6.37 30.43 20.47
N LYS B 144 5.87 29.26 20.88
CA LYS B 144 6.34 28.59 22.09
C LYS B 144 7.07 27.32 21.64
N PHE B 145 7.85 26.71 22.54
CA PHE B 145 8.69 25.59 22.19
C PHE B 145 8.53 24.48 23.19
N ILE B 146 8.19 23.30 22.69
CA ILE B 146 7.94 22.17 23.55
C ILE B 146 8.99 21.11 23.26
N PRO B 147 10.03 21.06 24.13
CA PRO B 147 10.98 19.98 24.07
C PRO B 147 10.29 18.64 24.22
N VAL B 148 10.62 17.73 23.31
CA VAL B 148 10.12 16.38 23.41
C VAL B 148 11.31 15.42 23.35
N PRO B 149 12.22 15.49 24.34
CA PRO B 149 13.44 14.67 24.27
C PRO B 149 13.16 13.19 24.16
N LEU B 150 13.89 12.57 23.24
CA LEU B 150 13.77 11.16 22.86
C LEU B 150 12.36 10.86 22.29
N LEU B 151 11.86 11.79 21.49
CA LEU B 151 10.67 11.56 20.67
C LEU B 151 10.97 12.19 19.31
N HIS B 152 11.95 11.67 18.57
CA HIS B 152 12.64 10.45 18.92
C HIS B 152 14.12 10.70 19.22
N TRP B 153 14.58 11.94 19.16
CA TRP B 153 15.97 12.25 19.48
C TRP B 153 16.04 13.16 20.72
N PRO B 154 17.24 13.25 21.35
CA PRO B 154 17.40 14.16 22.49
C PRO B 154 17.05 15.61 22.13
N ASP B 155 17.29 16.02 20.88
CA ASP B 155 17.00 17.36 20.43
C ASP B 155 15.57 17.62 19.92
N SER B 156 14.71 16.61 19.95
CA SER B 156 13.39 16.73 19.31
C SER B 156 12.53 17.78 20.04
N THR B 157 11.86 18.61 19.25
CA THR B 157 11.08 19.76 19.73
C THR B 157 9.83 19.86 18.87
N PHE B 158 8.74 20.35 19.47
CA PHE B 158 7.58 20.85 18.73
C PHE B 158 7.57 22.39 18.89
N THR B 159 7.09 23.08 17.87
CA THR B 159 6.86 24.52 17.96
C THR B 159 5.33 24.75 17.93
N TYR B 160 4.87 25.64 18.81
CA TYR B 160 3.45 25.89 18.95
C TYR B 160 3.12 27.38 18.80
N CYS B 161 2.17 27.69 17.92
CA CYS B 161 1.70 29.05 17.77
C CYS B 161 0.32 29.21 18.42
N PRO B 162 0.26 29.94 19.55
CA PRO B 162 -0.98 30.01 20.33
C PRO B 162 -2.09 30.76 19.62
N GLU B 163 -1.74 31.73 18.79
CA GLU B 163 -2.76 32.57 18.18
C GLU B 163 -3.52 31.81 17.11
N ASP B 164 -2.79 31.09 16.26
CA ASP B 164 -3.37 30.30 15.17
C ASP B 164 -3.70 28.86 15.59
N LYS B 165 -3.26 28.49 16.79
CA LYS B 165 -3.48 27.16 17.35
C LYS B 165 -2.87 26.07 16.44
N ILE B 166 -1.63 26.31 16.02
CA ILE B 166 -0.88 25.36 15.18
C ILE B 166 0.19 24.68 15.97
N LEU B 167 0.25 23.36 15.85
CA LEU B 167 1.38 22.60 16.36
C LEU B 167 2.24 22.21 15.15
N PHE B 168 3.49 22.70 15.15
CA PHE B 168 4.49 22.25 14.18
C PHE B 168 5.22 21.09 14.87
N SER B 169 4.83 19.87 14.53
CA SER B 169 5.16 18.73 15.35
C SER B 169 6.41 18.01 14.82
N ASN B 170 6.95 18.52 13.72
CA ASN B 170 8.18 17.96 13.11
C ASN B 170 7.96 16.44 12.84
N ASP B 171 8.85 15.55 13.28
CA ASP B 171 8.57 14.09 13.06
C ASP B 171 7.22 13.59 13.63
N GLY B 172 6.80 14.21 14.74
CA GLY B 172 5.48 13.93 15.29
C GLY B 172 4.35 14.01 14.29
N PHE B 173 3.46 13.01 14.36
CA PHE B 173 2.26 12.96 13.51
C PHE B 173 2.58 12.72 12.02
N GLY B 174 3.82 12.34 11.78
CA GLY B 174 4.30 12.19 10.41
C GLY B 174 3.95 10.83 9.83
N GLN B 175 4.05 10.78 8.50
CA GLN B 175 3.93 9.52 7.77
C GLN B 175 4.82 9.66 6.55
N HIS B 176 5.51 8.57 6.19
CA HIS B 176 6.28 8.58 4.96
C HIS B 176 5.31 8.35 3.80
N TYR B 177 4.88 9.46 3.22
CA TYR B 177 3.83 9.44 2.21
C TYR B 177 4.01 10.58 1.23
N ALA B 178 4.42 10.27 0.01
CA ALA B 178 4.58 11.30 -1.05
C ALA B 178 3.24 11.55 -1.75
N THR B 179 2.76 12.78 -1.68
CA THR B 179 1.52 13.15 -2.34
C THR B 179 1.52 14.64 -2.63
N SER B 180 0.67 15.07 -3.56
CA SER B 180 0.49 16.51 -3.79
C SER B 180 -0.52 17.11 -2.82
N ARG B 181 -1.22 16.26 -2.06
CA ARG B 181 -2.19 16.76 -1.07
C ARG B 181 -1.43 17.15 0.20
N ARG B 182 -1.85 18.24 0.83
CA ARG B 182 -1.20 18.71 2.09
C ARG B 182 -1.96 18.31 3.38
N TRP B 183 -3.24 17.96 3.24
CA TRP B 183 -4.07 17.60 4.39
C TRP B 183 -4.57 16.15 4.35
N ALA B 184 -4.60 15.47 5.50
CA ALA B 184 -5.12 14.09 5.62
C ALA B 184 -6.52 13.90 4.98
N ASP B 185 -7.42 14.84 5.28
CA ASP B 185 -8.82 14.76 4.84
C ASP B 185 -8.99 14.87 3.32
N GLU B 186 -7.97 15.37 2.62
CA GLU B 186 -7.99 15.40 1.15
C GLU B 186 -7.57 14.07 0.52
N CYS B 187 -7.09 13.14 1.35
CA CYS B 187 -6.68 11.79 0.91
C CYS B 187 -7.75 10.80 1.38
N ASP B 188 -7.48 9.51 1.22
CA ASP B 188 -8.21 8.50 1.98
C ASP B 188 -7.64 8.48 3.39
N VAL B 189 -8.37 9.00 4.36
CA VAL B 189 -7.90 9.07 5.75
C VAL B 189 -7.45 7.71 6.29
N SER B 190 -8.16 6.62 5.98
CA SER B 190 -7.73 5.30 6.49
C SER B 190 -6.33 4.93 5.93
N HIS B 191 -6.03 5.36 4.71
CA HIS B 191 -4.68 5.13 4.13
C HIS B 191 -3.61 5.93 4.88
N VAL B 192 -3.91 7.20 5.16
CA VAL B 192 -2.98 8.06 5.93
C VAL B 192 -2.77 7.46 7.31
N MET B 193 -3.86 7.02 7.96
CA MET B 193 -3.72 6.38 9.29
C MET B 193 -2.90 5.10 9.25
N HIS B 194 -3.03 4.34 8.16
CA HIS B 194 -2.17 3.20 7.92
C HIS B 194 -0.69 3.57 7.95
N LEU B 195 -0.28 4.56 7.15
CA LEU B 195 1.12 5.01 7.11
C LEU B 195 1.53 5.70 8.41
N PHE B 196 0.58 6.38 9.05
CA PHE B 196 0.81 6.97 10.37
C PHE B 196 1.16 5.91 11.40
N LYS B 197 0.45 4.78 11.40
CA LYS B 197 0.79 3.68 12.30
C LYS B 197 2.12 3.05 11.92
N GLU B 198 2.38 2.91 10.63
CA GLU B 198 3.68 2.35 10.22
C GLU B 198 4.84 3.21 10.73
N TYR B 199 4.70 4.53 10.57
CA TYR B 199 5.68 5.50 11.09
C TYR B 199 5.84 5.32 12.64
N THR B 200 4.73 5.32 13.36
CA THR B 200 4.74 5.10 14.82
C THR B 200 5.52 3.82 15.22
N ALA B 201 5.19 2.70 14.56
CA ALA B 201 5.78 1.39 14.89
C ALA B 201 7.28 1.38 14.67
N ASN B 202 7.69 1.97 13.56
CA ASN B 202 9.07 1.91 13.08
C ASN B 202 10.04 2.93 13.65
N ILE B 203 9.52 4.09 14.02
CA ILE B 203 10.39 5.19 14.48
C ILE B 203 10.17 5.50 15.98
N LEU B 204 8.93 5.41 16.42
CA LEU B 204 8.56 5.86 17.78
C LEU B 204 8.34 4.74 18.75
N GLY B 205 8.43 3.51 18.28
CA GLY B 205 7.97 2.31 19.02
C GLY B 205 8.43 2.22 20.46
N LEU B 206 9.69 2.60 20.71
CA LEU B 206 10.31 2.42 22.03
C LEU B 206 10.15 3.66 22.95
N PHE B 207 9.40 4.64 22.46
CA PHE B 207 9.22 5.93 23.14
C PHE B 207 7.79 6.25 23.61
N SER B 208 7.07 5.22 24.04
CA SER B 208 5.70 5.43 24.52
C SER B 208 5.68 6.39 25.72
N ALA B 209 6.68 6.28 26.60
CA ALA B 209 6.72 7.14 27.80
C ALA B 209 6.88 8.59 27.40
N GLN B 210 7.77 8.82 26.42
CA GLN B 210 8.00 10.18 25.94
C GLN B 210 6.74 10.69 25.25
N MET B 211 6.02 9.80 24.56
CA MET B 211 4.76 10.23 23.94
C MET B 211 3.71 10.63 24.99
N ARG B 212 3.60 9.88 26.08
CA ARG B 212 2.65 10.28 27.15
C ARG B 212 2.96 11.71 27.65
N LYS B 213 4.24 11.99 27.86
CA LYS B 213 4.67 13.34 28.29
C LYS B 213 4.32 14.43 27.29
N ALA B 214 4.58 14.18 26.01
CA ALA B 214 4.28 15.16 24.95
C ALA B 214 2.78 15.37 24.74
N LEU B 215 2.01 14.28 24.82
CA LEU B 215 0.56 14.42 24.70
C LEU B 215 -0.01 15.16 25.92
N GLU B 216 0.55 14.92 27.10
CA GLU B 216 0.17 15.68 28.28
C GLU B 216 0.37 17.19 28.03
N VAL B 217 1.54 17.59 27.53
CA VAL B 217 1.76 19.01 27.21
C VAL B 217 0.78 19.55 26.16
N ALA B 218 0.56 18.78 25.10
CA ALA B 218 -0.37 19.19 24.06
C ALA B 218 -1.78 19.38 24.63
N SER B 219 -2.15 18.59 25.63
CA SER B 219 -3.49 18.65 26.22
C SER B 219 -3.71 19.93 27.03
N THR B 220 -2.64 20.72 27.23
CA THR B 220 -2.75 21.95 28.04
C THR B 220 -2.92 23.15 27.16
N VAL B 221 -2.86 22.97 25.85
CA VAL B 221 -3.01 24.07 24.89
C VAL B 221 -4.04 23.72 23.82
N GLU B 222 -4.47 24.72 23.05
CA GLU B 222 -5.49 24.48 22.05
C GLU B 222 -4.85 24.34 20.68
N ILE B 223 -5.19 23.24 20.00
CA ILE B 223 -4.59 22.88 18.70
C ILE B 223 -5.73 22.62 17.72
N LYS B 224 -5.78 23.44 16.69
CA LYS B 224 -6.69 23.26 15.55
C LYS B 224 -6.01 22.61 14.34
N TYR B 225 -4.69 22.75 14.26
CA TYR B 225 -3.93 22.21 13.14
C TYR B 225 -2.63 21.57 13.62
N ILE B 226 -2.30 20.38 13.10
CA ILE B 226 -0.98 19.82 13.33
C ILE B 226 -0.26 19.75 11.99
N LEU B 227 0.78 20.58 11.84
CA LEU B 227 1.56 20.59 10.61
C LEU B 227 2.81 19.77 10.86
N SER B 228 2.86 18.58 10.26
CA SER B 228 3.95 17.64 10.50
C SER B 228 5.08 17.88 9.49
N ALA B 229 6.25 17.35 9.78
CA ALA B 229 7.38 17.46 8.85
C ALA B 229 7.46 16.31 7.84
N HIS B 230 6.57 15.33 7.97
CA HIS B 230 6.50 14.24 6.96
C HIS B 230 5.06 13.98 6.56
N GLY B 231 4.83 13.90 5.25
CA GLY B 231 3.53 13.51 4.70
C GLY B 231 2.52 14.64 4.78
N VAL B 232 1.27 14.28 5.10
CA VAL B 232 0.19 15.22 5.17
C VAL B 232 0.03 15.74 6.59
N SER B 233 -0.70 16.85 6.69
CA SER B 233 -0.93 17.51 7.95
C SER B 233 -2.39 17.27 8.39
N TRP B 234 -2.74 17.73 9.60
CA TRP B 234 -3.95 17.28 10.24
C TRP B 234 -4.80 18.47 10.67
N ARG B 235 -6.11 18.35 10.47
CA ARG B 235 -7.06 19.25 11.14
C ARG B 235 -8.35 18.51 11.49
N GLY B 236 -9.32 19.24 12.04
CA GLY B 236 -10.62 18.68 12.34
C GLY B 236 -10.55 17.19 12.62
N ASP B 237 -11.49 16.44 12.04
CA ASP B 237 -11.84 15.13 12.56
C ASP B 237 -10.68 14.15 12.44
N ALA B 238 -10.01 14.17 11.28
CA ALA B 238 -8.85 13.33 11.06
C ALA B 238 -7.77 13.59 12.11
N MET B 239 -7.61 14.85 12.50
CA MET B 239 -6.66 15.22 13.56
C MET B 239 -7.03 14.51 14.87
N GLY B 240 -8.33 14.49 15.18
CA GLY B 240 -8.83 13.73 16.31
C GLY B 240 -8.44 12.26 16.29
N LEU B 241 -8.54 11.61 15.13
CA LEU B 241 -8.13 10.22 14.98
C LEU B 241 -6.64 9.99 15.24
N ALA B 242 -5.82 10.88 14.71
CA ALA B 242 -4.38 10.76 14.85
C ALA B 242 -3.98 10.90 16.32
N ILE B 243 -4.50 11.94 16.97
CA ILE B 243 -4.27 12.14 18.41
C ILE B 243 -4.71 10.93 19.24
N ALA B 244 -5.91 10.40 18.95
CA ALA B 244 -6.43 9.25 19.68
C ALA B 244 -5.57 7.98 19.54
N GLU B 245 -5.05 7.74 18.32
CA GLU B 245 -4.19 6.60 18.09
C GLU B 245 -2.91 6.73 18.90
N TYR B 246 -2.24 7.89 18.84
CA TYR B 246 -1.05 8.11 19.70
C TYR B 246 -1.37 7.90 21.20
N ASP B 247 -2.54 8.39 21.62
CA ASP B 247 -2.96 8.31 23.00
C ASP B 247 -3.09 6.85 23.42
N ARG B 248 -3.85 6.05 22.66
CA ARG B 248 -3.95 4.62 22.95
C ARG B 248 -2.58 3.96 22.92
N TRP B 249 -1.82 4.18 21.84
CA TRP B 249 -0.48 3.60 21.77
C TRP B 249 0.40 3.95 22.99
N SER B 250 0.39 5.23 23.36
CA SER B 250 1.23 5.67 24.48
C SER B 250 0.88 4.95 25.80
N LYS B 251 -0.35 4.46 25.91
CA LYS B 251 -0.85 3.74 27.11
C LYS B 251 -0.89 2.24 26.93
N GLY B 252 -0.35 1.76 25.81
CA GLY B 252 -0.41 0.34 25.48
C GLY B 252 -1.80 -0.19 25.24
N GLN B 253 -2.69 0.67 24.75
CA GLN B 253 -4.07 0.32 24.47
C GLN B 253 -4.40 0.23 22.97
N HIS B 254 -3.35 0.10 22.15
CA HIS B 254 -3.47 0.18 20.69
C HIS B 254 -3.62 -1.19 20.01
N CYS B 255 -3.73 -2.27 20.78
CA CYS B 255 -3.69 -3.55 20.08
C CYS B 255 -5.07 -4.02 19.54
N GLN B 256 -5.03 -4.93 18.57
CA GLN B 256 -6.23 -5.46 17.92
C GLN B 256 -6.33 -6.93 18.23
N LYS B 257 -7.49 -7.50 17.97
CA LYS B 257 -7.71 -8.93 18.04
C LYS B 257 -7.05 -9.51 16.80
N LYS B 258 -5.73 -9.67 16.88
CA LYS B 258 -4.91 -9.93 15.69
C LYS B 258 -3.69 -10.75 16.06
N VAL B 259 -3.39 -11.75 15.25
CA VAL B 259 -2.16 -12.54 15.40
C VAL B 259 -1.30 -12.39 14.16
N THR B 260 -0.01 -12.08 14.35
CA THR B 260 0.94 -12.02 13.23
C THR B 260 1.99 -13.11 13.40
N VAL B 261 2.29 -13.84 12.31
CA VAL B 261 3.31 -14.89 12.35
C VAL B 261 4.40 -14.38 11.42
N VAL B 262 5.63 -14.37 11.91
CA VAL B 262 6.79 -13.85 11.15
C VAL B 262 7.71 -15.05 11.01
N LEU B 263 8.19 -15.32 9.80
CA LEU B 263 8.99 -16.51 9.62
C LEU B 263 9.85 -16.42 8.41
N ASP B 264 10.77 -17.37 8.29
CA ASP B 264 11.39 -17.65 6.99
C ASP B 264 11.38 -19.18 6.87
N SER B 265 11.70 -19.67 5.69
CA SER B 265 11.60 -21.11 5.44
C SER B 265 12.47 -21.35 4.22
N MET B 266 13.05 -22.53 4.08
CA MET B 266 13.89 -22.84 2.92
C MET B 266 13.20 -23.76 1.94
N TYR B 267 12.51 -24.78 2.48
CA TYR B 267 11.82 -25.80 1.68
C TYR B 267 10.31 -25.87 1.98
N GLY B 268 9.81 -24.95 2.80
CA GLY B 268 8.34 -24.72 2.87
C GLY B 268 7.60 -25.46 3.98
N THR B 269 8.28 -26.34 4.72
CA THR B 269 7.54 -27.11 5.75
C THR B 269 7.18 -26.25 6.97
N THR B 270 8.11 -25.41 7.41
CA THR B 270 7.81 -24.41 8.46
C THR B 270 6.65 -23.49 7.95
N HIS B 271 6.72 -23.08 6.68
CA HIS B 271 5.61 -22.33 6.06
C HIS B 271 4.24 -23.06 6.14
N ARG B 272 4.18 -24.34 5.76
CA ARG B 272 2.90 -25.06 5.86
C ARG B 272 2.38 -25.15 7.30
N MET B 273 3.29 -25.37 8.23
CA MET B 273 2.89 -25.42 9.64
C MET B 273 2.35 -24.06 10.04
N ALA B 274 3.01 -23.01 9.54
CA ALA B 274 2.60 -21.64 9.86
C ALA B 274 1.17 -21.39 9.37
N LEU B 275 0.84 -21.90 8.18
CA LEU B 275 -0.54 -21.76 7.67
C LEU B 275 -1.59 -22.45 8.57
N ALA B 276 -1.27 -23.65 9.06
CA ALA B 276 -2.21 -24.36 9.97
C ALA B 276 -2.38 -23.59 11.28
N LEU B 277 -1.27 -23.12 11.83
CA LEU B 277 -1.33 -22.28 13.04
C LEU B 277 -2.21 -21.04 12.80
N LEU B 278 -1.99 -20.40 11.65
CA LEU B 278 -2.77 -19.25 11.25
C LEU B 278 -4.27 -19.54 11.20
N ASP B 279 -4.65 -20.68 10.65
CA ASP B 279 -6.08 -21.01 10.63
C ASP B 279 -6.62 -21.20 12.03
N GLY B 280 -5.82 -21.81 12.91
CA GLY B 280 -6.21 -21.96 14.33
C GLY B 280 -6.49 -20.60 14.94
N ALA B 281 -5.57 -19.64 14.76
CA ALA B 281 -5.77 -18.29 15.30
C ALA B 281 -7.01 -17.63 14.69
N ARG B 282 -7.21 -17.83 13.38
CA ARG B 282 -8.34 -17.17 12.69
C ARG B 282 -9.67 -17.69 13.29
N SER B 283 -9.71 -18.99 13.62
CA SER B 283 -10.92 -19.64 14.16
C SER B 283 -11.42 -18.95 15.43
N THR B 284 -10.55 -18.25 16.14
CA THR B 284 -10.95 -17.56 17.38
C THR B 284 -11.57 -16.18 17.13
N GLY B 285 -11.64 -15.79 15.86
CA GLY B 285 -12.12 -14.48 15.47
C GLY B 285 -11.06 -13.40 15.27
N CYS B 286 -9.78 -13.72 15.44
CA CYS B 286 -8.69 -12.76 15.21
C CYS B 286 -8.43 -12.59 13.73
N GLU B 287 -8.07 -11.37 13.33
CA GLU B 287 -7.34 -11.17 12.07
C GLU B 287 -6.01 -11.92 12.15
N THR B 288 -5.59 -12.51 11.03
CA THR B 288 -4.29 -13.19 11.02
C THR B 288 -3.46 -12.66 9.83
N VAL B 289 -2.18 -12.42 10.07
CA VAL B 289 -1.28 -11.92 9.03
C VAL B 289 -0.06 -12.86 9.02
N LEU B 290 0.32 -13.28 7.84
CA LEU B 290 1.56 -14.05 7.72
C LEU B 290 2.61 -13.27 6.95
N LEU B 291 3.80 -13.16 7.55
CA LEU B 291 4.88 -12.38 6.98
C LEU B 291 6.08 -13.28 6.80
N GLU B 292 6.45 -13.53 5.54
CA GLU B 292 7.60 -14.38 5.25
C GLU B 292 8.71 -13.50 4.75
N MET B 293 9.88 -13.60 5.39
CA MET B 293 10.92 -12.60 5.18
C MET B 293 11.42 -12.50 3.73
N THR B 294 11.39 -13.60 2.99
CA THR B 294 11.67 -13.61 1.54
C THR B 294 10.69 -12.74 0.70
N SER B 295 9.53 -12.41 1.26
CA SER B 295 8.58 -11.57 0.56
C SER B 295 8.10 -10.40 1.43
N SER B 296 8.77 -10.18 2.54
CA SER B 296 8.38 -9.07 3.41
C SER B 296 9.61 -8.22 3.76
N ASP B 297 9.46 -7.35 4.74
CA ASP B 297 10.63 -6.60 5.20
C ASP B 297 10.43 -6.17 6.63
N ILE B 298 11.50 -5.68 7.24
CA ILE B 298 11.42 -5.39 8.69
C ILE B 298 10.42 -4.29 9.02
N THR B 299 10.23 -3.37 8.07
CA THR B 299 9.29 -2.26 8.23
C THR B 299 7.85 -2.80 8.39
N LYS B 300 7.49 -3.77 7.55
CA LYS B 300 6.18 -4.43 7.67
C LYS B 300 6.06 -5.29 8.94
N VAL B 301 7.16 -5.92 9.33
CA VAL B 301 7.16 -6.69 10.61
C VAL B 301 6.82 -5.75 11.78
N ALA B 302 7.44 -4.57 11.79
CA ALA B 302 7.16 -3.58 12.85
C ALA B 302 5.69 -3.13 12.77
N LEU B 303 5.24 -2.79 11.57
CA LEU B 303 3.84 -2.39 11.38
C LEU B 303 2.84 -3.38 11.97
N HIS B 304 2.99 -4.66 11.65
CA HIS B 304 2.02 -5.66 12.10
C HIS B 304 2.21 -6.12 13.56
N THR B 305 3.44 -6.22 14.02
CA THR B 305 3.64 -6.63 15.43
C THR B 305 3.16 -5.53 16.38
N TYR B 306 3.27 -4.27 15.93
CA TYR B 306 2.81 -3.06 16.64
C TYR B 306 1.40 -3.23 17.23
N ASP B 307 0.44 -3.68 16.42
CA ASP B 307 -0.95 -3.76 16.87
C ASP B 307 -1.49 -5.17 17.02
N SER B 308 -0.60 -6.16 16.93
CA SER B 308 -0.97 -7.56 17.16
C SER B 308 -1.25 -7.79 18.65
N GLY B 309 -2.24 -8.61 18.93
CA GLY B 309 -2.53 -9.01 20.32
C GLY B 309 -1.63 -10.16 20.73
N ALA B 310 -1.14 -10.94 19.76
CA ALA B 310 -0.19 -12.03 19.98
C ALA B 310 0.64 -12.25 18.72
N VAL B 311 1.82 -12.82 18.88
CA VAL B 311 2.69 -13.05 17.72
C VAL B 311 3.28 -14.46 17.74
N ALA B 312 3.73 -14.92 16.59
CA ALA B 312 4.55 -16.12 16.55
C ALA B 312 5.75 -15.83 15.66
N PHE B 313 6.93 -16.34 16.03
CA PHE B 313 8.11 -16.25 15.15
C PHE B 313 8.62 -17.65 14.85
N ALA B 314 8.97 -17.93 13.59
CA ALA B 314 9.35 -19.26 13.22
C ALA B 314 10.53 -19.31 12.25
N SER B 315 11.29 -20.39 12.33
CA SER B 315 12.44 -20.58 11.44
C SER B 315 12.87 -22.04 11.49
N PRO B 316 13.24 -22.62 10.34
CA PRO B 316 13.97 -23.89 10.51
C PRO B 316 15.36 -23.61 11.04
N THR B 317 16.03 -24.68 11.49
CA THR B 317 17.41 -24.53 11.93
C THR B 317 18.33 -24.49 10.70
N LEU B 318 19.16 -23.45 10.67
CA LEU B 318 20.16 -23.23 9.65
C LEU B 318 21.50 -23.02 10.35
N ASN B 319 22.43 -23.92 10.13
CA ASN B 319 23.77 -23.78 10.76
C ASN B 319 23.72 -23.53 12.27
N ASN B 320 22.99 -24.40 12.97
CA ASN B 320 22.87 -24.39 14.44
C ASN B 320 22.22 -23.15 15.03
N THR B 321 21.50 -22.40 14.21
CA THR B 321 20.77 -21.25 14.75
C THR B 321 19.52 -20.96 13.89
N MET B 322 18.88 -19.83 14.13
CA MET B 322 17.74 -19.40 13.30
C MET B 322 18.26 -18.78 11.99
N MET B 323 17.42 -18.76 10.95
CA MET B 323 17.77 -18.00 9.73
C MET B 323 18.12 -16.53 10.03
N PRO B 324 19.13 -15.98 9.31
CA PRO B 324 19.49 -14.58 9.51
C PRO B 324 18.37 -13.58 9.37
N SER B 325 17.44 -13.78 8.43
CA SER B 325 16.34 -12.85 8.24
C SER B 325 15.45 -12.75 9.52
N VAL B 326 15.29 -13.89 10.18
CA VAL B 326 14.52 -13.90 11.44
C VAL B 326 15.27 -13.25 12.59
N ALA B 327 16.59 -13.47 12.65
CA ALA B 327 17.50 -12.73 13.57
C ALA B 327 17.37 -11.20 13.36
N ALA B 328 17.30 -10.77 12.10
CA ALA B 328 17.17 -9.33 11.80
C ALA B 328 15.83 -8.82 12.33
N ALA B 329 14.76 -9.58 12.04
CA ALA B 329 13.40 -9.17 12.42
C ALA B 329 13.28 -9.05 13.95
N LEU B 330 13.87 -10.02 14.65
CA LEU B 330 13.84 -10.02 16.11
C LEU B 330 14.67 -8.88 16.70
N ASN B 331 15.88 -8.66 16.16
CA ASN B 331 16.65 -7.48 16.52
C ASN B 331 15.81 -6.21 16.43
N TYR B 332 15.12 -6.04 15.29
CA TYR B 332 14.38 -4.82 15.04
C TYR B 332 13.19 -4.66 16.01
N VAL B 333 12.41 -5.72 16.16
CA VAL B 333 11.27 -5.73 17.07
C VAL B 333 11.72 -5.54 18.53
N ARG B 334 12.85 -6.17 18.90
CA ARG B 334 13.44 -5.97 20.24
C ARG B 334 13.79 -4.50 20.51
N GLY B 335 14.50 -3.88 19.56
CA GLY B 335 14.90 -2.48 19.67
C GLY B 335 13.71 -1.55 19.82
N LEU B 336 12.64 -1.91 19.13
CA LEU B 336 11.47 -1.07 19.09
C LEU B 336 10.47 -1.39 20.22
N THR B 337 10.73 -2.47 20.97
CA THR B 337 9.88 -2.92 22.14
C THR B 337 8.42 -3.28 21.79
N LEU B 338 8.18 -3.59 20.52
CA LEU B 338 6.81 -3.71 19.99
C LEU B 338 6.03 -4.92 20.53
N ILE B 339 6.74 -5.95 20.99
CA ILE B 339 6.02 -7.11 21.55
C ILE B 339 6.23 -7.30 23.06
N LYS B 340 6.75 -6.29 23.74
CA LYS B 340 7.00 -6.41 25.17
C LYS B 340 5.69 -6.74 25.86
N GLY B 341 5.71 -7.80 26.67
CA GLY B 341 4.51 -8.26 27.41
C GLY B 341 3.47 -9.05 26.63
N LYS B 342 3.69 -9.29 25.33
CA LYS B 342 2.65 -9.90 24.46
C LYS B 342 2.86 -11.39 24.36
N PRO B 343 1.75 -12.18 24.26
CA PRO B 343 1.87 -13.61 24.07
C PRO B 343 2.68 -13.84 22.81
N ALA B 344 3.68 -14.73 22.91
CA ALA B 344 4.58 -15.02 21.80
C ALA B 344 4.92 -16.52 21.79
N PHE B 345 4.76 -17.12 20.61
CA PHE B 345 4.97 -18.56 20.37
C PHE B 345 6.07 -18.72 19.31
N ALA B 346 6.76 -19.85 19.33
CA ALA B 346 7.82 -20.13 18.36
C ALA B 346 7.70 -21.57 17.89
N PHE B 347 8.09 -21.81 16.63
CA PHE B 347 8.03 -23.15 16.04
C PHE B 347 8.97 -23.22 14.85
N GLY B 348 9.28 -24.42 14.41
CA GLY B 348 10.17 -24.55 13.25
C GLY B 348 10.66 -25.96 13.04
N ALA B 349 11.08 -26.24 11.81
CA ALA B 349 11.60 -27.56 11.44
C ALA B 349 13.08 -27.65 11.80
N PHE B 350 13.61 -28.86 11.90
CA PHE B 350 15.05 -29.06 12.02
C PHE B 350 15.39 -30.41 11.37
N GLY B 351 16.66 -30.57 11.03
CA GLY B 351 17.15 -31.79 10.38
C GLY B 351 17.78 -32.78 11.34
N TRP B 352 18.60 -32.29 12.25
CA TRP B 352 19.27 -33.17 13.21
C TRP B 352 19.44 -32.57 14.59
N SER B 353 19.52 -31.26 14.68
CA SER B 353 19.66 -30.62 15.97
C SER B 353 18.83 -29.34 16.05
N ASN B 354 17.82 -29.38 16.90
CA ASN B 354 16.85 -28.29 17.06
C ASN B 354 17.51 -27.11 17.76
N ARG B 355 17.86 -26.07 17.01
CA ARG B 355 18.52 -24.91 17.59
C ARG B 355 17.79 -23.58 17.32
N ALA B 356 17.10 -23.48 16.20
CA ALA B 356 16.44 -22.21 15.85
C ALA B 356 15.37 -21.89 16.90
N VAL B 357 14.55 -22.87 17.22
CA VAL B 357 13.42 -22.62 18.14
C VAL B 357 13.92 -22.21 19.56
N PRO B 358 14.84 -22.98 20.16
CA PRO B 358 15.44 -22.48 21.39
C PRO B 358 15.98 -21.05 21.29
N ASP B 359 16.68 -20.72 20.20
CA ASP B 359 17.25 -19.38 20.03
C ASP B 359 16.15 -18.32 19.90
N ILE B 360 15.11 -18.64 19.13
CA ILE B 360 13.96 -17.73 19.02
C ILE B 360 13.30 -17.53 20.40
N VAL B 361 13.04 -18.62 21.11
CA VAL B 361 12.44 -18.55 22.46
C VAL B 361 13.25 -17.65 23.39
N ALA B 362 14.56 -17.86 23.43
CA ALA B 362 15.45 -17.05 24.27
C ALA B 362 15.38 -15.57 23.90
N GLU B 363 15.41 -15.27 22.60
CA GLU B 363 15.36 -13.91 22.13
C GLU B 363 14.01 -13.27 22.47
N LEU B 364 12.92 -14.00 22.28
CA LEU B 364 11.58 -13.46 22.59
C LEU B 364 11.43 -13.17 24.10
N ARG B 365 11.89 -14.12 24.93
CA ARG B 365 11.73 -14.06 26.39
C ARG B 365 12.66 -13.00 27.01
N ASP B 366 13.96 -13.14 26.78
CA ASP B 366 14.96 -12.28 27.40
C ASP B 366 15.24 -11.01 26.63
N GLY B 367 15.22 -11.08 25.30
CA GLY B 367 15.42 -9.89 24.48
C GLY B 367 14.18 -9.01 24.37
N CYS B 368 13.14 -9.52 23.73
CA CYS B 368 11.90 -8.75 23.55
C CYS B 368 11.01 -8.58 24.79
N LYS B 369 11.28 -9.35 25.85
CA LYS B 369 10.40 -9.49 27.05
C LYS B 369 8.94 -9.75 26.72
N ALA B 370 8.72 -10.60 25.73
CA ALA B 370 7.42 -11.11 25.40
C ALA B 370 6.96 -12.12 26.46
N ASP B 371 5.67 -12.44 26.40
CA ASP B 371 5.07 -13.46 27.25
C ASP B 371 5.21 -14.80 26.54
N VAL B 372 6.34 -15.49 26.78
CA VAL B 372 6.61 -16.77 26.14
C VAL B 372 6.03 -17.88 27.02
N TYR B 373 4.75 -18.15 26.79
CA TYR B 373 3.95 -18.98 27.67
C TYR B 373 4.26 -20.46 27.50
N ASP B 374 4.89 -20.81 26.38
CA ASP B 374 5.23 -22.19 26.04
C ASP B 374 6.60 -22.20 25.40
N GLU B 375 7.61 -22.49 26.21
CA GLU B 375 8.98 -22.46 25.77
C GLU B 375 9.39 -23.61 24.85
N LYS B 376 8.66 -24.71 24.84
CA LYS B 376 8.96 -25.82 23.94
C LYS B 376 8.67 -25.44 22.48
N GLY B 377 7.57 -24.71 22.29
CA GLY B 377 7.03 -24.44 20.96
C GLY B 377 6.65 -25.72 20.25
N ILE B 378 6.71 -25.71 18.91
CA ILE B 378 6.53 -26.91 18.13
C ILE B 378 7.75 -27.09 17.24
N THR B 379 8.36 -28.27 17.29
CA THR B 379 9.49 -28.58 16.42
C THR B 379 9.27 -29.95 15.79
N PHE B 380 9.81 -30.14 14.60
CA PHE B 380 9.69 -31.42 13.92
C PHE B 380 10.87 -31.64 13.02
N LYS B 381 11.23 -32.90 12.81
CA LYS B 381 12.36 -33.25 11.95
C LYS B 381 11.90 -33.43 10.50
N PHE B 382 12.08 -32.38 9.70
CA PHE B 382 12.28 -32.55 8.26
C PHE B 382 10.99 -32.31 7.49
N ASN B 383 9.88 -32.80 8.04
CA ASN B 383 8.59 -32.73 7.35
C ASN B 383 7.43 -32.77 8.33
N TYR B 384 6.32 -32.12 7.95
CA TYR B 384 5.10 -32.16 8.75
C TYR B 384 4.31 -33.42 8.38
N THR B 385 3.22 -33.64 9.12
CA THR B 385 2.27 -34.72 8.90
C THR B 385 0.90 -34.14 9.28
N GLU B 386 -0.18 -34.85 8.99
CA GLU B 386 -1.50 -34.33 9.32
C GLU B 386 -1.63 -34.08 10.81
N GLU B 387 -1.02 -34.96 11.62
CA GLU B 387 -1.10 -34.81 13.08
C GLU B 387 -0.35 -33.57 13.58
N LEU B 388 0.79 -33.29 12.95
CA LEU B 388 1.57 -32.10 13.26
C LEU B 388 0.83 -30.82 12.84
N LEU B 389 0.19 -30.83 11.67
CA LEU B 389 -0.69 -29.71 11.25
C LEU B 389 -1.81 -29.46 12.26
N GLU B 390 -2.43 -30.54 12.74
CA GLU B 390 -3.46 -30.42 13.78
C GLU B 390 -2.88 -29.83 15.07
N GLN B 391 -1.67 -30.25 15.44
CA GLN B 391 -1.01 -29.67 16.60
C GLN B 391 -0.75 -28.17 16.40
N ALA B 392 -0.32 -27.79 15.20
CA ALA B 392 -0.08 -26.37 14.90
C ALA B 392 -1.39 -25.56 14.96
N TYR B 393 -2.45 -26.14 14.41
CA TYR B 393 -3.79 -25.53 14.45
C TYR B 393 -4.24 -25.29 15.89
N ASN B 394 -4.11 -26.33 16.71
CA ASN B 394 -4.49 -26.20 18.13
C ASN B 394 -3.68 -25.12 18.88
N ALA B 395 -2.38 -25.03 18.57
CA ALA B 395 -1.53 -23.99 19.13
C ALA B 395 -1.99 -22.61 18.68
N GLY B 396 -2.44 -22.53 17.42
CA GLY B 396 -3.02 -21.30 16.85
C GLY B 396 -4.31 -20.89 17.56
N VAL B 397 -5.16 -21.86 17.87
CA VAL B 397 -6.41 -21.58 18.60
C VAL B 397 -6.00 -20.96 19.94
N ASP B 398 -5.06 -21.59 20.63
CA ASP B 398 -4.61 -21.11 21.93
C ASP B 398 -3.97 -19.72 21.82
N LEU B 399 -3.17 -19.50 20.77
CA LEU B 399 -2.52 -18.21 20.58
C LEU B 399 -3.53 -17.08 20.34
N GLY B 400 -4.53 -17.37 19.52
CA GLY B 400 -5.62 -16.39 19.22
C GLY B 400 -6.42 -16.08 20.48
N LYS B 401 -6.74 -17.11 21.27
CA LYS B 401 -7.38 -16.88 22.59
C LYS B 401 -6.56 -15.99 23.50
N ARG B 402 -5.25 -16.19 23.50
CA ARG B 402 -4.34 -15.39 24.29
C ARG B 402 -4.25 -13.96 23.80
N ALA B 403 -4.28 -13.77 22.47
CA ALA B 403 -4.35 -12.42 21.87
C ALA B 403 -5.61 -11.67 22.32
N ILE B 404 -6.74 -12.36 22.30
CA ILE B 404 -8.03 -11.74 22.71
C ILE B 404 -7.98 -11.37 24.21
N ALA B 405 -7.49 -12.29 25.04
CA ALA B 405 -7.37 -12.02 26.48
C ALA B 405 -6.40 -10.84 26.72
N TYR B 406 -5.29 -10.82 25.97
CA TYR B 406 -4.33 -9.70 26.08
C TYR B 406 -5.00 -8.35 25.74
N CYS B 407 -5.72 -8.30 24.62
CA CYS B 407 -6.43 -7.07 24.23
C CYS B 407 -7.44 -6.63 25.31
N GLU B 408 -8.14 -7.59 25.88
CA GLU B 408 -9.12 -7.27 26.93
C GLU B 408 -8.42 -6.70 28.15
N LYS B 409 -7.31 -7.32 28.52
CA LYS B 409 -6.53 -6.85 29.66
C LYS B 409 -6.01 -5.42 29.47
N ASN B 410 -5.65 -5.09 28.23
CA ASN B 410 -5.01 -3.82 27.91
C ASN B 410 -5.90 -2.88 27.13
N ALA B 411 -7.22 -3.05 27.28
CA ALA B 411 -8.19 -2.36 26.46
C ALA B 411 -8.26 -0.87 26.77
N PRO B 412 -8.50 -0.10 25.71
CA PRO B 412 -8.63 1.35 25.78
C PRO B 412 -9.72 1.76 26.74
#